data_2HG7
#
_entry.id   2HG7
#
_cell.length_a   1.000
_cell.length_b   1.000
_cell.length_c   1.000
_cell.angle_alpha   90.00
_cell.angle_beta   90.00
_cell.angle_gamma   90.00
#
_symmetry.space_group_name_H-M   'P 1'
#
_entity_poly.entity_id   1
_entity_poly.type   'polypeptide(L)'
_entity_poly.pdbx_seq_one_letter_code
;MILYDAIMYKYPNAVSRKDFELRNDGNGSYIEKWNLRAPLPTQAELETWWEELQKNPPYEPPDQVELLAQELSQEKLARK
QLEELNKTLGNELSDIKLSLLSLEHHHHHH
;
_entity_poly.pdbx_strand_id   A
#
# COMPACT_ATOMS: atom_id res chain seq x y z
N MET A 1 7.53 1.78 7.86
CA MET A 1 7.35 1.49 6.42
C MET A 1 6.24 2.36 5.84
N ILE A 2 6.05 2.30 4.54
CA ILE A 2 5.06 3.13 3.86
C ILE A 2 4.01 2.27 3.18
N LEU A 3 2.74 2.55 3.45
CA LEU A 3 1.63 1.81 2.88
C LEU A 3 1.54 2.03 1.37
N TYR A 4 1.82 3.25 0.95
CA TYR A 4 1.76 3.64 -0.45
C TYR A 4 2.57 2.69 -1.33
N ASP A 5 3.80 2.39 -0.91
CA ASP A 5 4.68 1.49 -1.65
C ASP A 5 4.07 0.10 -1.76
N ALA A 6 3.59 -0.41 -0.63
CA ALA A 6 2.97 -1.74 -0.58
C ALA A 6 1.74 -1.81 -1.50
N ILE A 7 0.91 -0.77 -1.46
CA ILE A 7 -0.28 -0.71 -2.30
C ILE A 7 0.10 -0.67 -3.77
N MET A 8 1.14 0.09 -4.10
CA MET A 8 1.60 0.22 -5.48
C MET A 8 2.20 -1.09 -5.99
N TYR A 9 2.63 -1.93 -5.06
CA TYR A 9 3.19 -3.23 -5.43
C TYR A 9 2.09 -4.19 -5.86
N LYS A 10 0.99 -4.21 -5.11
CA LYS A 10 -0.08 -5.15 -5.37
C LYS A 10 -1.12 -4.58 -6.35
N TYR A 11 -1.38 -3.28 -6.26
CA TYR A 11 -2.40 -2.64 -7.07
C TYR A 11 -1.81 -1.52 -7.93
N PRO A 12 -1.25 -1.87 -9.10
CA PRO A 12 -0.69 -0.88 -10.03
C PRO A 12 -1.76 -0.03 -10.71
N ASN A 13 -2.98 -0.55 -10.77
CA ASN A 13 -4.07 0.13 -11.45
C ASN A 13 -4.92 0.94 -10.46
N ALA A 14 -4.46 1.04 -9.23
CA ALA A 14 -5.14 1.84 -8.22
C ALA A 14 -4.52 3.23 -8.14
N VAL A 15 -5.37 4.25 -7.99
CA VAL A 15 -4.88 5.62 -7.95
C VAL A 15 -4.92 6.19 -6.53
N SER A 16 -3.80 6.72 -6.09
CA SER A 16 -3.71 7.36 -4.79
C SER A 16 -4.43 8.71 -4.83
N ARG A 17 -4.93 9.14 -3.66
CA ARG A 17 -5.67 10.40 -3.55
C ARG A 17 -6.97 10.33 -4.34
N LYS A 18 -7.37 9.11 -4.67
CA LYS A 18 -8.53 8.87 -5.52
C LYS A 18 -9.31 7.65 -5.03
N ASP A 19 -8.76 6.47 -5.26
CA ASP A 19 -9.41 5.23 -4.87
C ASP A 19 -9.17 4.97 -3.39
N PHE A 20 -8.03 5.45 -2.92
CA PHE A 20 -7.69 5.36 -1.51
C PHE A 20 -7.03 6.66 -1.05
N GLU A 21 -7.44 7.13 0.11
CA GLU A 21 -6.90 8.36 0.67
C GLU A 21 -5.79 8.03 1.66
N LEU A 22 -4.64 8.61 1.48
CA LEU A 22 -3.51 8.39 2.37
C LEU A 22 -3.39 9.53 3.36
N ARG A 23 -2.82 9.23 4.50
CA ARG A 23 -2.59 10.24 5.53
C ARG A 23 -1.15 10.16 5.98
N ASN A 24 -0.55 11.31 6.24
CA ASN A 24 0.87 11.38 6.60
C ASN A 24 1.03 11.39 8.12
N ASP A 25 1.54 10.29 8.65
CA ASP A 25 1.80 10.17 10.08
C ASP A 25 3.08 10.89 10.45
N GLY A 26 4.08 10.77 9.58
CA GLY A 26 5.40 11.29 9.87
C GLY A 26 6.44 10.21 9.79
N ASN A 27 6.11 9.04 10.32
CA ASN A 27 6.96 7.86 10.19
C ASN A 27 6.59 7.11 8.92
N GLY A 28 5.53 7.58 8.29
CA GLY A 28 5.06 6.99 7.05
C GLY A 28 3.70 7.51 6.68
N SER A 29 3.15 7.00 5.58
CA SER A 29 1.81 7.36 5.15
C SER A 29 0.95 6.12 5.09
N TYR A 30 -0.23 6.17 5.70
CA TYR A 30 -1.11 5.01 5.79
C TYR A 30 -2.49 5.32 5.21
N ILE A 31 -3.37 4.32 5.24
CA ILE A 31 -4.68 4.43 4.61
C ILE A 31 -5.69 5.11 5.53
N GLU A 32 -6.25 6.20 5.05
CA GLU A 32 -7.28 6.92 5.78
C GLU A 32 -8.65 6.50 5.25
N LYS A 33 -8.86 6.69 3.95
CA LYS A 33 -10.13 6.39 3.32
C LYS A 33 -9.96 5.24 2.34
N TRP A 34 -10.91 4.32 2.32
CA TRP A 34 -10.84 3.15 1.45
C TRP A 34 -12.09 3.04 0.59
N ASN A 35 -11.94 3.23 -0.72
CA ASN A 35 -13.08 3.17 -1.64
C ASN A 35 -12.94 2.02 -2.64
N LEU A 36 -11.98 1.14 -2.38
CA LEU A 36 -11.74 0.02 -3.27
C LEU A 36 -12.60 -1.18 -2.89
N ARG A 37 -13.04 -1.92 -3.90
CA ARG A 37 -13.77 -3.14 -3.67
C ARG A 37 -12.80 -4.28 -3.38
N ALA A 38 -12.07 -4.13 -2.29
CA ALA A 38 -11.11 -5.13 -1.87
C ALA A 38 -11.06 -5.17 -0.35
N PRO A 39 -10.88 -6.37 0.22
CA PRO A 39 -10.75 -6.54 1.67
C PRO A 39 -9.57 -5.76 2.23
N LEU A 40 -9.71 -5.27 3.45
CA LEU A 40 -8.65 -4.54 4.11
C LEU A 40 -7.48 -5.47 4.42
N PRO A 41 -6.30 -5.18 3.86
CA PRO A 41 -5.11 -6.00 4.06
C PRO A 41 -4.70 -6.09 5.52
N THR A 42 -4.17 -7.23 5.90
CA THR A 42 -3.78 -7.47 7.28
C THR A 42 -2.31 -7.14 7.48
N GLN A 43 -1.88 -7.15 8.74
CA GLN A 43 -0.50 -6.84 9.09
C GLN A 43 0.47 -7.70 8.30
N ALA A 44 0.24 -9.00 8.33
CA ALA A 44 1.06 -9.95 7.60
C ALA A 44 1.09 -9.62 6.11
N GLU A 45 -0.08 -9.27 5.55
CA GLU A 45 -0.18 -8.91 4.15
C GLU A 45 0.65 -7.67 3.83
N LEU A 46 0.46 -6.63 4.64
CA LEU A 46 1.19 -5.38 4.46
C LEU A 46 2.69 -5.62 4.53
N GLU A 47 3.12 -6.41 5.51
CA GLU A 47 4.52 -6.74 5.67
C GLU A 47 5.04 -7.54 4.49
N THR A 48 4.26 -8.53 4.04
CA THR A 48 4.66 -9.39 2.93
C THR A 48 4.92 -8.57 1.66
N TRP A 49 4.04 -7.63 1.36
CA TRP A 49 4.22 -6.77 0.18
C TRP A 49 5.51 -5.98 0.31
N TRP A 50 5.78 -5.49 1.52
CA TRP A 50 7.00 -4.75 1.80
C TRP A 50 8.21 -5.67 1.67
N GLU A 51 8.09 -6.87 2.22
CA GLU A 51 9.14 -7.87 2.18
C GLU A 51 9.46 -8.25 0.73
N GLU A 52 8.42 -8.42 -0.07
CA GLU A 52 8.60 -8.80 -1.46
C GLU A 52 9.11 -7.63 -2.31
N LEU A 53 8.74 -6.41 -1.93
CA LEU A 53 9.14 -5.23 -2.68
C LEU A 53 10.58 -4.85 -2.35
N GLN A 54 10.95 -4.98 -1.09
CA GLN A 54 12.28 -4.57 -0.65
C GLN A 54 13.32 -5.67 -0.91
N LYS A 55 12.89 -6.93 -1.00
CA LYS A 55 13.83 -8.00 -1.31
C LYS A 55 14.00 -8.15 -2.82
N ASN A 56 13.07 -7.56 -3.55
CA ASN A 56 13.10 -7.63 -5.01
C ASN A 56 12.86 -6.25 -5.60
N PRO A 57 13.94 -5.57 -6.00
CA PRO A 57 13.85 -4.26 -6.62
C PRO A 57 13.08 -4.31 -7.94
N PRO A 58 12.05 -3.47 -8.09
CA PRO A 58 11.24 -3.42 -9.31
C PRO A 58 12.10 -3.11 -10.52
N TYR A 59 11.69 -3.61 -11.68
CA TYR A 59 12.43 -3.39 -12.90
C TYR A 59 12.07 -2.02 -13.46
N GLU A 60 12.79 -1.03 -12.98
CA GLU A 60 12.59 0.35 -13.38
C GLU A 60 13.08 0.58 -14.80
N MET A 1 7.25 0.60 7.32
CA MET A 1 6.75 0.40 5.92
C MET A 1 5.87 1.55 5.51
N ILE A 2 5.66 1.67 4.20
CA ILE A 2 4.73 2.65 3.67
C ILE A 2 3.58 1.92 2.97
N LEU A 3 2.35 2.23 3.37
CA LEU A 3 1.17 1.57 2.86
C LEU A 3 1.03 1.75 1.35
N TYR A 4 1.32 2.96 0.89
CA TYR A 4 1.19 3.33 -0.51
C TYR A 4 1.98 2.37 -1.40
N ASP A 5 3.23 2.19 -1.07
CA ASP A 5 4.12 1.32 -1.84
C ASP A 5 3.62 -0.11 -1.85
N ALA A 6 3.24 -0.61 -0.67
CA ALA A 6 2.74 -1.96 -0.53
C ALA A 6 1.50 -2.19 -1.42
N ILE A 7 0.57 -1.25 -1.41
CA ILE A 7 -0.64 -1.35 -2.20
C ILE A 7 -0.33 -1.29 -3.69
N MET A 8 0.51 -0.32 -4.06
CA MET A 8 0.83 -0.10 -5.47
C MET A 8 1.61 -1.28 -6.06
N TYR A 9 2.33 -1.99 -5.21
CA TYR A 9 3.11 -3.14 -5.66
C TYR A 9 2.21 -4.34 -5.91
N LYS A 10 1.26 -4.57 -5.02
CA LYS A 10 0.39 -5.73 -5.12
C LYS A 10 -0.78 -5.46 -6.06
N TYR A 11 -1.29 -4.24 -6.05
CA TYR A 11 -2.43 -3.87 -6.89
C TYR A 11 -2.12 -2.62 -7.71
N PRO A 12 -1.53 -2.79 -8.90
CA PRO A 12 -1.20 -1.67 -9.79
C PRO A 12 -2.43 -1.09 -10.48
N ASN A 13 -3.48 -1.90 -10.54
CA ASN A 13 -4.71 -1.51 -11.20
C ASN A 13 -5.62 -0.73 -10.24
N ALA A 14 -5.11 -0.46 -9.05
CA ALA A 14 -5.84 0.33 -8.07
C ALA A 14 -5.48 1.81 -8.24
N VAL A 15 -6.50 2.66 -8.33
CA VAL A 15 -6.27 4.08 -8.59
C VAL A 15 -6.12 4.85 -7.29
N SER A 16 -4.91 5.33 -7.03
CA SER A 16 -4.63 6.14 -5.87
C SER A 16 -5.07 7.57 -6.12
N ARG A 17 -5.22 8.35 -5.05
CA ARG A 17 -5.67 9.73 -5.15
C ARG A 17 -7.08 9.79 -5.73
N LYS A 18 -7.79 8.69 -5.57
CA LYS A 18 -9.16 8.56 -6.02
C LYS A 18 -9.92 7.66 -5.05
N ASP A 19 -9.54 6.39 -5.03
CA ASP A 19 -10.16 5.43 -4.14
C ASP A 19 -9.42 5.39 -2.82
N PHE A 20 -8.11 5.20 -2.86
CA PHE A 20 -7.32 5.14 -1.64
C PHE A 20 -6.30 6.27 -1.58
N GLU A 21 -6.28 6.96 -0.46
CA GLU A 21 -5.32 8.03 -0.21
C GLU A 21 -4.64 7.83 1.14
N LEU A 22 -3.52 8.49 1.31
CA LEU A 22 -2.69 8.30 2.49
C LEU A 22 -2.96 9.36 3.55
N ARG A 23 -2.68 8.99 4.79
CA ARG A 23 -2.71 9.93 5.90
C ARG A 23 -1.47 9.71 6.72
N ASN A 24 -1.05 10.72 7.47
CA ASN A 24 0.15 10.60 8.26
C ASN A 24 -0.17 10.07 9.66
N ASP A 25 0.44 8.93 9.98
CA ASP A 25 0.29 8.33 11.31
C ASP A 25 1.40 8.81 12.22
N GLY A 26 2.50 9.22 11.60
CA GLY A 26 3.67 9.62 12.36
C GLY A 26 4.81 8.66 12.14
N ASN A 27 4.51 7.36 12.26
CA ASN A 27 5.51 6.33 12.04
C ASN A 27 5.52 5.90 10.58
N GLY A 28 4.58 6.46 9.82
CA GLY A 28 4.46 6.17 8.41
C GLY A 28 3.18 6.73 7.83
N SER A 29 2.97 6.51 6.55
CA SER A 29 1.76 6.93 5.87
C SER A 29 0.80 5.75 5.76
N TYR A 30 -0.38 5.88 6.37
CA TYR A 30 -1.34 4.79 6.40
C TYR A 30 -2.55 5.10 5.52
N ILE A 31 -3.50 4.18 5.49
CA ILE A 31 -4.69 4.31 4.67
C ILE A 31 -5.81 4.98 5.44
N GLU A 32 -6.31 6.09 4.92
CA GLU A 32 -7.44 6.77 5.52
C GLU A 32 -8.60 6.81 4.53
N LYS A 33 -8.31 7.31 3.34
CA LYS A 33 -9.29 7.28 2.25
C LYS A 33 -9.33 5.89 1.64
N TRP A 34 -10.45 5.22 1.79
CA TRP A 34 -10.63 3.92 1.18
C TRP A 34 -12.01 3.86 0.54
N ASN A 35 -12.03 3.84 -0.79
CA ASN A 35 -13.28 3.83 -1.54
C ASN A 35 -13.37 2.56 -2.38
N LEU A 36 -12.38 1.70 -2.23
CA LEU A 36 -12.31 0.46 -3.00
C LEU A 36 -13.34 -0.55 -2.52
N ARG A 37 -13.94 -1.26 -3.45
CA ARG A 37 -14.93 -2.27 -3.14
C ARG A 37 -14.27 -3.58 -2.70
N ALA A 38 -13.30 -3.44 -1.81
CA ALA A 38 -12.53 -4.58 -1.32
C ALA A 38 -12.19 -4.37 0.15
N PRO A 39 -12.14 -5.46 0.94
CA PRO A 39 -11.81 -5.39 2.37
C PRO A 39 -10.34 -5.11 2.62
N LEU A 40 -10.03 -4.53 3.78
CA LEU A 40 -8.67 -4.22 4.16
C LEU A 40 -7.89 -5.49 4.49
N PRO A 41 -6.64 -5.57 4.02
CA PRO A 41 -5.73 -6.68 4.33
C PRO A 41 -5.15 -6.58 5.74
N THR A 42 -4.29 -7.52 6.10
CA THR A 42 -3.74 -7.55 7.44
C THR A 42 -2.34 -6.91 7.47
N GLN A 43 -1.86 -6.60 8.68
CA GLN A 43 -0.56 -5.96 8.83
C GLN A 43 0.54 -6.86 8.27
N ALA A 44 0.45 -8.14 8.62
CA ALA A 44 1.41 -9.12 8.13
C ALA A 44 1.43 -9.12 6.61
N GLU A 45 0.25 -9.15 6.01
CA GLU A 45 0.12 -9.10 4.56
C GLU A 45 0.79 -7.85 3.99
N LEU A 46 0.45 -6.70 4.55
CA LEU A 46 1.00 -5.43 4.11
C LEU A 46 2.51 -5.44 4.14
N GLU A 47 3.07 -5.84 5.27
CA GLU A 47 4.52 -5.84 5.47
C GLU A 47 5.19 -6.85 4.55
N THR A 48 4.52 -7.96 4.28
CA THR A 48 5.08 -8.99 3.41
C THR A 48 5.23 -8.47 1.98
N TRP A 49 4.26 -7.68 1.54
CA TRP A 49 4.33 -7.06 0.23
C TRP A 49 5.46 -6.04 0.18
N TRP A 50 5.63 -5.31 1.28
CA TRP A 50 6.75 -4.39 1.41
C TRP A 50 8.08 -5.15 1.32
N GLU A 51 8.13 -6.28 2.02
CA GLU A 51 9.29 -7.15 2.01
C GLU A 51 9.57 -7.68 0.60
N GLU A 52 8.53 -8.15 -0.07
CA GLU A 52 8.66 -8.64 -1.43
C GLU A 52 9.09 -7.52 -2.37
N LEU A 53 8.50 -6.34 -2.20
CA LEU A 53 8.86 -5.17 -3.00
C LEU A 53 10.33 -4.84 -2.87
N GLN A 54 10.84 -4.89 -1.65
CA GLN A 54 12.21 -4.48 -1.38
C GLN A 54 13.19 -5.55 -1.84
N LYS A 55 12.78 -6.81 -1.76
CA LYS A 55 13.63 -7.92 -2.17
C LYS A 55 13.52 -8.19 -3.68
N ASN A 56 12.60 -7.51 -4.33
CA ASN A 56 12.31 -7.76 -5.73
C ASN A 56 13.07 -6.77 -6.61
N PRO A 57 13.55 -7.24 -7.78
CA PRO A 57 14.16 -6.38 -8.81
C PRO A 57 13.18 -5.31 -9.31
N PRO A 58 13.69 -4.28 -10.01
CA PRO A 58 12.85 -3.21 -10.56
C PRO A 58 11.97 -3.71 -11.70
N TYR A 59 11.09 -2.84 -12.19
CA TYR A 59 10.22 -3.17 -13.30
C TYR A 59 11.05 -3.23 -14.58
N GLU A 60 11.33 -4.44 -15.01
CA GLU A 60 12.19 -4.68 -16.15
C GLU A 60 11.54 -4.15 -17.42
N MET A 1 6.03 2.70 7.64
CA MET A 1 6.59 2.33 6.32
C MET A 1 5.79 2.96 5.20
N ILE A 2 6.37 3.05 4.01
CA ILE A 2 5.70 3.67 2.89
C ILE A 2 4.69 2.71 2.27
N LEU A 3 3.43 2.96 2.55
CA LEU A 3 2.34 2.15 2.05
C LEU A 3 2.13 2.37 0.55
N TYR A 4 2.42 3.58 0.10
CA TYR A 4 2.18 3.98 -1.29
C TYR A 4 2.77 2.99 -2.27
N ASP A 5 4.06 2.70 -2.12
CA ASP A 5 4.74 1.78 -3.02
C ASP A 5 4.17 0.36 -2.89
N ALA A 6 3.92 -0.06 -1.66
CA ALA A 6 3.36 -1.38 -1.38
C ALA A 6 2.00 -1.57 -2.06
N ILE A 7 1.14 -0.56 -1.96
CA ILE A 7 -0.17 -0.61 -2.57
C ILE A 7 -0.06 -0.74 -4.08
N MET A 8 0.87 0.00 -4.67
CA MET A 8 1.08 -0.03 -6.11
C MET A 8 1.63 -1.39 -6.56
N TYR A 9 2.23 -2.11 -5.61
CA TYR A 9 2.78 -3.44 -5.90
C TYR A 9 1.65 -4.46 -6.08
N LYS A 10 0.67 -4.43 -5.18
CA LYS A 10 -0.42 -5.39 -5.25
C LYS A 10 -1.55 -4.88 -6.14
N TYR A 11 -1.88 -3.60 -6.01
CA TYR A 11 -2.97 -3.01 -6.78
C TYR A 11 -2.45 -1.90 -7.69
N PRO A 12 -1.99 -2.24 -8.90
CA PRO A 12 -1.47 -1.26 -9.86
C PRO A 12 -2.56 -0.36 -10.44
N ASN A 13 -3.78 -0.87 -10.48
CA ASN A 13 -4.91 -0.16 -11.09
C ASN A 13 -5.66 0.71 -10.09
N ALA A 14 -5.08 0.90 -8.92
CA ALA A 14 -5.68 1.78 -7.91
C ALA A 14 -5.06 3.17 -7.99
N VAL A 15 -5.89 4.20 -7.99
CA VAL A 15 -5.42 5.57 -8.11
C VAL A 15 -5.41 6.25 -6.74
N SER A 16 -4.26 6.82 -6.37
CA SER A 16 -4.10 7.51 -5.10
C SER A 16 -4.94 8.79 -5.07
N ARG A 17 -5.52 9.06 -3.90
CA ARG A 17 -6.37 10.20 -3.67
C ARG A 17 -7.61 10.17 -4.56
N LYS A 18 -7.95 8.97 -5.00
CA LYS A 18 -9.20 8.72 -5.72
C LYS A 18 -9.86 7.47 -5.17
N ASP A 19 -9.16 6.35 -5.31
CA ASP A 19 -9.67 5.07 -4.85
C ASP A 19 -9.25 4.84 -3.40
N PHE A 20 -8.13 5.43 -3.02
CA PHE A 20 -7.62 5.34 -1.67
C PHE A 20 -6.79 6.58 -1.34
N GLU A 21 -6.86 7.04 -0.10
CA GLU A 21 -6.06 8.17 0.32
C GLU A 21 -5.27 7.81 1.56
N LEU A 22 -4.01 8.20 1.57
CA LEU A 22 -3.10 7.87 2.65
C LEU A 22 -3.14 8.93 3.75
N ARG A 23 -2.81 8.51 4.95
CA ARG A 23 -2.74 9.43 6.08
C ARG A 23 -1.49 9.14 6.90
N ASN A 24 -0.99 10.15 7.59
CA ASN A 24 0.16 9.98 8.45
C ASN A 24 -0.28 9.54 9.84
N ASP A 25 0.07 8.31 10.19
CA ASP A 25 -0.25 7.75 11.50
C ASP A 25 0.77 8.20 12.53
N GLY A 26 1.93 8.60 12.03
CA GLY A 26 3.07 8.86 12.90
C GLY A 26 4.13 7.81 12.67
N ASN A 27 3.68 6.57 12.53
CA ASN A 27 4.55 5.45 12.16
C ASN A 27 4.85 5.47 10.67
N GLY A 28 4.18 6.37 9.97
CA GLY A 28 4.36 6.49 8.54
C GLY A 28 3.06 6.82 7.84
N SER A 29 3.10 6.78 6.51
CA SER A 29 1.93 7.07 5.71
C SER A 29 1.23 5.77 5.32
N TYR A 30 0.03 5.56 5.87
CA TYR A 30 -0.70 4.33 5.62
C TYR A 30 -2.10 4.62 5.06
N ILE A 31 -2.89 3.58 4.87
CA ILE A 31 -4.22 3.72 4.27
C ILE A 31 -5.24 4.18 5.30
N GLU A 32 -6.00 5.19 4.95
CA GLU A 32 -7.11 5.65 5.77
C GLU A 32 -8.40 5.66 4.95
N LYS A 33 -8.37 6.44 3.88
CA LYS A 33 -9.55 6.63 3.05
C LYS A 33 -9.62 5.54 1.99
N TRP A 34 -10.75 4.84 1.93
CA TRP A 34 -10.87 3.66 1.08
C TRP A 34 -12.19 3.69 0.31
N ASN A 35 -12.10 3.77 -1.00
CA ASN A 35 -13.29 3.88 -1.86
C ASN A 35 -13.48 2.64 -2.72
N LEU A 36 -12.60 1.67 -2.56
CA LEU A 36 -12.62 0.48 -3.39
C LEU A 36 -13.48 -0.62 -2.78
N ARG A 37 -14.00 -1.50 -3.63
CA ARG A 37 -14.75 -2.67 -3.17
C ARG A 37 -13.77 -3.81 -2.88
N ALA A 38 -12.67 -3.47 -2.24
CA ALA A 38 -11.63 -4.43 -1.97
C ALA A 38 -11.40 -4.57 -0.47
N PRO A 39 -11.12 -5.80 -0.02
CA PRO A 39 -10.86 -6.06 1.41
C PRO A 39 -9.59 -5.37 1.90
N LEU A 40 -9.62 -4.88 3.12
CA LEU A 40 -8.46 -4.28 3.74
C LEU A 40 -7.49 -5.36 4.18
N PRO A 41 -6.23 -5.28 3.72
CA PRO A 41 -5.19 -6.26 4.05
C PRO A 41 -4.87 -6.29 5.55
N THR A 42 -4.30 -7.39 5.99
CA THR A 42 -3.95 -7.55 7.38
C THR A 42 -2.60 -6.87 7.67
N GLN A 43 -2.26 -6.77 8.94
CA GLN A 43 -0.97 -6.21 9.34
C GLN A 43 0.14 -7.05 8.75
N ALA A 44 -0.05 -8.35 8.86
CA ALA A 44 0.87 -9.33 8.29
C ALA A 44 1.06 -9.10 6.79
N GLU A 45 -0.06 -9.00 6.06
CA GLU A 45 -0.01 -8.81 4.63
C GLU A 45 0.70 -7.51 4.28
N LEU A 46 0.35 -6.44 4.99
CA LEU A 46 0.96 -5.14 4.78
C LEU A 46 2.48 -5.21 4.85
N GLU A 47 3.00 -5.86 5.89
CA GLU A 47 4.44 -6.00 6.05
C GLU A 47 5.01 -6.94 5.00
N THR A 48 4.21 -7.90 4.56
CA THR A 48 4.61 -8.82 3.50
C THR A 48 4.77 -8.06 2.17
N TRP A 49 3.88 -7.09 1.93
CA TRP A 49 3.98 -6.24 0.75
C TRP A 49 5.35 -5.55 0.71
N TRP A 50 5.68 -4.92 1.84
CA TRP A 50 6.96 -4.23 1.97
C TRP A 50 8.13 -5.18 1.76
N GLU A 51 8.06 -6.34 2.40
CA GLU A 51 9.09 -7.35 2.27
C GLU A 51 9.23 -7.83 0.83
N GLU A 52 8.12 -8.13 0.18
CA GLU A 52 8.14 -8.57 -1.21
C GLU A 52 8.68 -7.47 -2.12
N LEU A 53 8.29 -6.23 -1.83
CA LEU A 53 8.73 -5.08 -2.61
C LEU A 53 10.25 -4.88 -2.48
N GLN A 54 10.75 -4.98 -1.26
CA GLN A 54 12.15 -4.76 -0.99
C GLN A 54 13.02 -5.92 -1.48
N LYS A 55 12.48 -7.12 -1.43
CA LYS A 55 13.26 -8.32 -1.73
C LYS A 55 13.20 -8.68 -3.22
N ASN A 56 12.41 -7.92 -3.98
CA ASN A 56 12.25 -8.18 -5.40
C ASN A 56 12.82 -7.03 -6.23
N PRO A 57 13.34 -7.34 -7.43
CA PRO A 57 13.93 -6.33 -8.32
C PRO A 57 12.94 -5.25 -8.74
N PRO A 58 13.34 -3.97 -8.66
CA PRO A 58 12.50 -2.83 -9.01
C PRO A 58 12.08 -2.84 -10.49
N TYR A 59 10.93 -2.23 -10.77
CA TYR A 59 10.39 -2.18 -12.12
C TYR A 59 11.31 -1.35 -13.02
N GLU A 60 11.70 -1.94 -14.15
CA GLU A 60 12.62 -1.31 -15.10
C GLU A 60 12.06 0.03 -15.59
N MET A 1 8.55 1.47 6.76
CA MET A 1 7.31 0.87 6.22
C MET A 1 6.40 1.94 5.62
N ILE A 2 6.32 1.99 4.30
CA ILE A 2 5.44 2.92 3.61
C ILE A 2 4.40 2.14 2.81
N LEU A 3 3.14 2.35 3.12
CA LEU A 3 2.07 1.60 2.52
C LEU A 3 1.86 1.96 1.05
N TYR A 4 2.09 3.23 0.71
CA TYR A 4 1.88 3.72 -0.65
C TYR A 4 2.61 2.85 -1.66
N ASP A 5 3.87 2.55 -1.37
CA ASP A 5 4.68 1.73 -2.24
C ASP A 5 4.18 0.29 -2.27
N ALA A 6 3.94 -0.26 -1.10
CA ALA A 6 3.48 -1.65 -0.96
C ALA A 6 2.18 -1.90 -1.72
N ILE A 7 1.19 -1.02 -1.51
CA ILE A 7 -0.11 -1.15 -2.15
C ILE A 7 0.03 -1.06 -3.67
N MET A 8 0.80 -0.07 -4.12
CA MET A 8 0.94 0.20 -5.55
C MET A 8 1.81 -0.86 -6.23
N TYR A 9 2.68 -1.50 -5.45
CA TYR A 9 3.48 -2.60 -5.96
C TYR A 9 2.58 -3.78 -6.32
N LYS A 10 1.62 -4.06 -5.46
CA LYS A 10 0.71 -5.18 -5.67
C LYS A 10 -0.37 -4.80 -6.67
N TYR A 11 -0.93 -3.59 -6.51
CA TYR A 11 -1.97 -3.10 -7.41
C TYR A 11 -1.53 -1.77 -8.03
N PRO A 12 -0.91 -1.82 -9.22
CA PRO A 12 -0.38 -0.63 -9.90
C PRO A 12 -1.49 0.30 -10.40
N ASN A 13 -2.67 -0.27 -10.61
CA ASN A 13 -3.81 0.47 -11.12
C ASN A 13 -4.68 0.99 -9.99
N ALA A 14 -4.16 0.87 -8.78
CA ALA A 14 -4.84 1.42 -7.61
C ALA A 14 -4.55 2.91 -7.52
N VAL A 15 -5.47 3.71 -8.05
CA VAL A 15 -5.27 5.15 -8.14
C VAL A 15 -5.51 5.83 -6.80
N SER A 16 -4.43 6.32 -6.19
CA SER A 16 -4.51 7.06 -4.95
C SER A 16 -5.27 8.37 -5.16
N ARG A 17 -5.89 8.88 -4.10
CA ARG A 17 -6.69 10.12 -4.14
C ARG A 17 -8.04 9.89 -4.81
N LYS A 18 -8.06 8.99 -5.80
CA LYS A 18 -9.28 8.64 -6.51
C LYS A 18 -10.09 7.64 -5.69
N ASP A 19 -9.49 6.49 -5.43
CA ASP A 19 -10.18 5.42 -4.71
C ASP A 19 -9.78 5.40 -3.24
N PHE A 20 -8.49 5.46 -2.99
CA PHE A 20 -7.98 5.43 -1.63
C PHE A 20 -6.99 6.55 -1.42
N GLU A 21 -6.99 7.13 -0.23
CA GLU A 21 -6.08 8.21 0.11
C GLU A 21 -5.40 7.89 1.43
N LEU A 22 -4.08 8.06 1.48
CA LEU A 22 -3.31 7.67 2.65
C LEU A 22 -2.99 8.86 3.53
N ARG A 23 -2.78 8.59 4.80
CA ARG A 23 -2.42 9.63 5.76
C ARG A 23 -1.12 9.28 6.46
N ASN A 24 -0.50 10.27 7.06
CA ASN A 24 0.72 10.04 7.82
C ASN A 24 0.40 10.01 9.30
N ASP A 25 0.43 8.82 9.88
CA ASP A 25 0.01 8.63 11.26
C ASP A 25 1.11 9.01 12.23
N GLY A 26 2.34 8.65 11.89
CA GLY A 26 3.47 8.96 12.75
C GLY A 26 4.75 8.31 12.28
N ASN A 27 4.74 6.98 12.20
CA ASN A 27 5.93 6.24 11.78
C ASN A 27 5.90 5.96 10.30
N GLY A 28 4.80 6.30 9.66
CA GLY A 28 4.67 6.09 8.24
C GLY A 28 3.31 6.48 7.73
N SER A 29 3.10 6.33 6.44
CA SER A 29 1.83 6.64 5.81
C SER A 29 1.09 5.35 5.45
N TYR A 30 -0.20 5.29 5.81
CA TYR A 30 -1.01 4.14 5.46
C TYR A 30 -2.45 4.53 5.17
N ILE A 31 -3.29 3.52 4.98
CA ILE A 31 -4.65 3.69 4.50
C ILE A 31 -5.51 4.53 5.45
N GLU A 32 -6.13 5.56 4.89
CA GLU A 32 -7.10 6.37 5.62
C GLU A 32 -8.45 6.26 4.90
N LYS A 33 -8.45 6.66 3.64
CA LYS A 33 -9.63 6.54 2.80
C LYS A 33 -9.50 5.29 1.95
N TRP A 34 -10.51 4.43 2.00
CA TRP A 34 -10.49 3.19 1.25
C TRP A 34 -11.87 2.93 0.65
N ASN A 35 -11.98 2.99 -0.68
CA ASN A 35 -13.26 2.76 -1.33
C ASN A 35 -13.29 1.44 -2.07
N LEU A 36 -12.13 0.82 -2.23
CA LEU A 36 -12.02 -0.47 -2.90
C LEU A 36 -12.93 -1.49 -2.25
N ARG A 37 -13.65 -2.21 -3.09
CA ARG A 37 -14.56 -3.25 -2.62
C ARG A 37 -13.80 -4.52 -2.29
N ALA A 38 -12.89 -4.41 -1.34
CA ALA A 38 -12.11 -5.54 -0.87
C ALA A 38 -11.83 -5.38 0.61
N PRO A 39 -11.87 -6.48 1.37
CA PRO A 39 -11.63 -6.47 2.82
C PRO A 39 -10.29 -5.84 3.16
N LEU A 40 -10.29 -5.00 4.20
CA LEU A 40 -9.09 -4.31 4.65
C LEU A 40 -7.98 -5.28 4.99
N PRO A 41 -6.82 -5.14 4.33
CA PRO A 41 -5.65 -5.98 4.56
C PRO A 41 -5.15 -5.90 6.00
N THR A 42 -4.42 -6.90 6.43
CA THR A 42 -3.97 -6.96 7.80
C THR A 42 -2.52 -6.50 7.92
N GLN A 43 -2.11 -6.17 9.14
CA GLN A 43 -0.77 -5.68 9.42
C GLN A 43 0.28 -6.61 8.83
N ALA A 44 0.14 -7.90 9.11
CA ALA A 44 1.05 -8.91 8.59
C ALA A 44 1.10 -8.87 7.07
N GLU A 45 -0.07 -8.82 6.45
CA GLU A 45 -0.18 -8.77 5.00
C GLU A 45 0.52 -7.54 4.44
N LEU A 46 0.30 -6.39 5.08
CA LEU A 46 0.88 -5.12 4.63
C LEU A 46 2.40 -5.20 4.58
N GLU A 47 3.01 -5.73 5.64
CA GLU A 47 4.46 -5.83 5.69
C GLU A 47 5.00 -6.84 4.67
N THR A 48 4.26 -7.91 4.44
CA THR A 48 4.68 -8.92 3.47
C THR A 48 4.77 -8.33 2.07
N TRP A 49 3.78 -7.52 1.70
CA TRP A 49 3.77 -6.88 0.38
C TRP A 49 4.93 -5.89 0.27
N TRP A 50 5.22 -5.21 1.36
CA TRP A 50 6.37 -4.32 1.45
C TRP A 50 7.66 -5.13 1.28
N GLU A 51 7.73 -6.25 1.97
CA GLU A 51 8.89 -7.12 1.91
C GLU A 51 9.07 -7.74 0.52
N GLU A 52 7.95 -8.07 -0.14
CA GLU A 52 8.00 -8.55 -1.52
C GLU A 52 8.64 -7.51 -2.42
N LEU A 53 8.19 -6.26 -2.26
CA LEU A 53 8.74 -5.13 -3.01
C LEU A 53 10.20 -4.92 -2.69
N GLN A 54 10.54 -4.94 -1.41
CA GLN A 54 11.89 -4.66 -0.97
C GLN A 54 12.87 -5.73 -1.46
N LYS A 55 12.37 -6.94 -1.66
CA LYS A 55 13.21 -8.04 -2.09
C LYS A 55 13.15 -8.21 -3.61
N ASN A 56 12.42 -7.33 -4.27
CA ASN A 56 12.29 -7.36 -5.72
C ASN A 56 13.39 -6.50 -6.34
N PRO A 57 14.17 -7.08 -7.27
CA PRO A 57 15.27 -6.38 -7.94
C PRO A 57 14.85 -5.03 -8.52
N PRO A 58 15.77 -4.05 -8.51
CA PRO A 58 15.51 -2.69 -8.97
C PRO A 58 14.80 -2.63 -10.33
N TYR A 59 13.87 -1.69 -10.45
CA TYR A 59 13.06 -1.55 -11.65
C TYR A 59 13.85 -0.88 -12.77
N GLU A 60 14.06 -1.60 -13.85
CA GLU A 60 14.75 -1.06 -15.01
C GLU A 60 13.80 -0.25 -15.89
N MET A 1 7.47 3.17 7.62
CA MET A 1 6.68 2.28 6.73
C MET A 1 5.57 3.06 6.05
N ILE A 2 5.80 3.44 4.80
CA ILE A 2 4.79 4.15 4.03
C ILE A 2 3.91 3.15 3.26
N LEU A 3 2.61 3.22 3.50
CA LEU A 3 1.64 2.30 2.92
C LEU A 3 1.61 2.39 1.40
N TYR A 4 1.89 3.58 0.89
CA TYR A 4 1.84 3.84 -0.55
C TYR A 4 2.63 2.82 -1.35
N ASP A 5 3.85 2.51 -0.91
CA ASP A 5 4.71 1.58 -1.62
C ASP A 5 4.10 0.19 -1.67
N ALA A 6 3.66 -0.28 -0.51
CA ALA A 6 3.05 -1.61 -0.39
C ALA A 6 1.79 -1.71 -1.25
N ILE A 7 0.93 -0.70 -1.18
CA ILE A 7 -0.32 -0.70 -1.93
C ILE A 7 -0.05 -0.70 -3.43
N MET A 8 0.93 0.09 -3.85
CA MET A 8 1.25 0.21 -5.27
C MET A 8 1.76 -1.12 -5.83
N TYR A 9 2.38 -1.91 -4.97
CA TYR A 9 2.89 -3.21 -5.37
C TYR A 9 1.76 -4.23 -5.51
N LYS A 10 0.78 -4.15 -4.61
CA LYS A 10 -0.36 -5.06 -4.63
C LYS A 10 -1.34 -4.69 -5.74
N TYR A 11 -1.64 -3.40 -5.85
CA TYR A 11 -2.59 -2.92 -6.84
C TYR A 11 -1.99 -1.81 -7.69
N PRO A 12 -1.24 -2.17 -8.75
CA PRO A 12 -0.64 -1.20 -9.67
C PRO A 12 -1.70 -0.48 -10.49
N ASN A 13 -2.88 -1.08 -10.59
CA ASN A 13 -3.97 -0.54 -11.38
C ASN A 13 -4.85 0.39 -10.56
N ALA A 14 -4.46 0.65 -9.32
CA ALA A 14 -5.19 1.56 -8.45
C ALA A 14 -4.52 2.92 -8.45
N VAL A 15 -5.32 3.98 -8.50
CA VAL A 15 -4.79 5.34 -8.57
C VAL A 15 -4.75 5.97 -7.18
N SER A 16 -3.56 6.37 -6.77
CA SER A 16 -3.36 7.02 -5.48
C SER A 16 -4.11 8.34 -5.41
N ARG A 17 -4.74 8.59 -4.26
CA ARG A 17 -5.51 9.81 -4.02
C ARG A 17 -6.79 9.83 -4.87
N LYS A 18 -7.15 8.67 -5.42
CA LYS A 18 -8.36 8.54 -6.20
C LYS A 18 -9.32 7.56 -5.53
N ASP A 19 -9.02 6.27 -5.58
CA ASP A 19 -9.88 5.27 -4.98
C ASP A 19 -9.31 4.80 -3.64
N PHE A 20 -8.17 5.35 -3.27
CA PHE A 20 -7.64 5.18 -1.94
C PHE A 20 -6.86 6.43 -1.55
N GLU A 21 -7.24 7.02 -0.43
CA GLU A 21 -6.63 8.25 0.02
C GLU A 21 -5.79 8.01 1.27
N LEU A 22 -4.54 8.43 1.21
CA LEU A 22 -3.59 8.14 2.26
C LEU A 22 -3.35 9.36 3.14
N ARG A 23 -2.97 9.11 4.39
CA ARG A 23 -2.68 10.18 5.33
C ARG A 23 -1.39 9.88 6.07
N ASN A 24 -0.96 10.83 6.88
CA ASN A 24 0.24 10.67 7.67
C ASN A 24 -0.10 10.04 9.01
N ASP A 25 0.53 8.91 9.31
CA ASP A 25 0.32 8.20 10.57
C ASP A 25 1.16 8.82 11.66
N GLY A 26 2.37 9.21 11.28
CA GLY A 26 3.32 9.75 12.23
C GLY A 26 4.73 9.43 11.82
N ASN A 27 5.01 8.14 11.68
CA ASN A 27 6.32 7.69 11.25
C ASN A 27 6.30 7.40 9.75
N GLY A 28 5.11 7.39 9.19
CA GLY A 28 4.95 7.15 7.77
C GLY A 28 3.54 7.46 7.31
N SER A 29 3.20 7.02 6.10
CA SER A 29 1.87 7.23 5.56
C SER A 29 1.03 5.96 5.66
N TYR A 30 -0.25 6.12 5.97
CA TYR A 30 -1.16 4.98 6.08
C TYR A 30 -2.47 5.28 5.37
N ILE A 31 -3.37 4.31 5.35
CA ILE A 31 -4.65 4.45 4.66
C ILE A 31 -5.67 5.14 5.55
N GLU A 32 -6.35 6.14 5.00
CA GLU A 32 -7.42 6.80 5.73
C GLU A 32 -8.75 6.52 5.03
N LYS A 33 -8.80 6.85 3.76
CA LYS A 33 -10.02 6.73 3.00
C LYS A 33 -9.90 5.60 1.98
N TRP A 34 -10.63 4.53 2.22
CA TRP A 34 -10.61 3.36 1.36
C TRP A 34 -11.88 3.33 0.53
N ASN A 35 -11.75 3.53 -0.78
CA ASN A 35 -12.91 3.63 -1.66
C ASN A 35 -12.90 2.50 -2.69
N LEU A 36 -11.95 1.58 -2.54
CA LEU A 36 -11.82 0.46 -3.46
C LEU A 36 -12.81 -0.64 -3.11
N ARG A 37 -13.26 -1.38 -4.13
CA ARG A 37 -14.19 -2.49 -3.93
C ARG A 37 -13.45 -3.75 -3.52
N ALA A 38 -12.45 -3.57 -2.67
CA ALA A 38 -11.62 -4.68 -2.20
C ALA A 38 -11.55 -4.65 -0.68
N PRO A 39 -11.34 -5.81 -0.05
CA PRO A 39 -11.22 -5.90 1.42
C PRO A 39 -9.95 -5.22 1.93
N LEU A 40 -9.98 -4.82 3.19
CA LEU A 40 -8.84 -4.18 3.81
C LEU A 40 -7.73 -5.19 4.07
N PRO A 41 -6.51 -4.92 3.56
CA PRO A 41 -5.36 -5.81 3.75
C PRO A 41 -4.98 -5.99 5.22
N THR A 42 -4.26 -7.05 5.51
CA THR A 42 -3.87 -7.36 6.87
C THR A 42 -2.49 -6.80 7.16
N GLN A 43 -2.21 -6.55 8.43
CA GLN A 43 -0.91 -6.08 8.88
C GLN A 43 0.19 -6.99 8.33
N ALA A 44 -0.05 -8.29 8.45
CA ALA A 44 0.89 -9.31 7.98
C ALA A 44 1.16 -9.17 6.49
N GLU A 45 0.11 -9.12 5.68
CA GLU A 45 0.27 -9.05 4.24
C GLU A 45 0.95 -7.75 3.83
N LEU A 46 0.66 -6.67 4.54
CA LEU A 46 1.31 -5.39 4.30
C LEU A 46 2.83 -5.54 4.34
N GLU A 47 3.32 -6.23 5.37
CA GLU A 47 4.75 -6.45 5.50
C GLU A 47 5.24 -7.51 4.52
N THR A 48 4.35 -8.41 4.12
CA THR A 48 4.68 -9.42 3.14
C THR A 48 5.01 -8.77 1.79
N TRP A 49 4.17 -7.83 1.37
CA TRP A 49 4.40 -7.10 0.12
C TRP A 49 5.67 -6.27 0.25
N TRP A 50 5.92 -5.76 1.44
CA TRP A 50 7.08 -4.94 1.73
C TRP A 50 8.36 -5.73 1.50
N GLU A 51 8.41 -6.94 2.06
CA GLU A 51 9.54 -7.80 1.91
C GLU A 51 9.71 -8.22 0.45
N GLU A 52 8.58 -8.46 -0.23
CA GLU A 52 8.61 -8.78 -1.66
C GLU A 52 9.19 -7.63 -2.47
N LEU A 53 8.68 -6.43 -2.22
CA LEU A 53 9.14 -5.24 -2.92
C LEU A 53 10.63 -5.00 -2.68
N GLN A 54 11.14 -5.55 -1.60
CA GLN A 54 12.56 -5.44 -1.27
C GLN A 54 13.37 -6.54 -1.95
N LYS A 55 12.89 -7.78 -1.87
CA LYS A 55 13.63 -8.93 -2.37
C LYS A 55 13.43 -9.16 -3.86
N ASN A 56 12.41 -8.54 -4.40
CA ASN A 56 12.00 -8.77 -5.78
C ASN A 56 12.07 -7.48 -6.60
N PRO A 57 13.05 -7.38 -7.51
CA PRO A 57 13.21 -6.20 -8.36
C PRO A 57 12.21 -6.18 -9.51
N PRO A 58 11.68 -4.99 -9.85
CA PRO A 58 10.74 -4.81 -10.95
C PRO A 58 11.43 -4.98 -12.31
N TYR A 59 10.66 -5.39 -13.31
CA TYR A 59 11.21 -5.57 -14.66
C TYR A 59 11.53 -4.21 -15.27
N GLU A 60 12.80 -3.96 -15.48
CA GLU A 60 13.26 -2.70 -16.05
C GLU A 60 13.50 -2.86 -17.55
N MET A 1 8.44 2.39 7.61
CA MET A 1 7.91 1.78 6.37
C MET A 1 6.78 2.62 5.83
N ILE A 2 6.55 2.53 4.52
CA ILE A 2 5.50 3.31 3.87
C ILE A 2 4.40 2.39 3.37
N LEU A 3 3.15 2.70 3.72
CA LEU A 3 2.01 1.89 3.35
C LEU A 3 1.77 1.96 1.85
N TYR A 4 1.93 3.16 1.28
CA TYR A 4 1.66 3.40 -0.14
C TYR A 4 2.41 2.41 -1.04
N ASP A 5 3.69 2.23 -0.76
CA ASP A 5 4.54 1.34 -1.56
C ASP A 5 4.00 -0.09 -1.55
N ALA A 6 3.62 -0.56 -0.38
CA ALA A 6 3.07 -1.90 -0.23
C ALA A 6 1.75 -2.03 -0.98
N ILE A 7 0.87 -1.03 -0.81
CA ILE A 7 -0.42 -1.01 -1.48
C ILE A 7 -0.24 -1.05 -3.00
N MET A 8 0.64 -0.19 -3.50
CA MET A 8 0.90 -0.07 -4.93
C MET A 8 1.44 -1.38 -5.49
N TYR A 9 2.09 -2.16 -4.64
CA TYR A 9 2.64 -3.45 -5.06
C TYR A 9 1.52 -4.45 -5.36
N LYS A 10 0.58 -4.59 -4.44
CA LYS A 10 -0.50 -5.55 -4.61
C LYS A 10 -1.56 -5.02 -5.58
N TYR A 11 -1.80 -3.72 -5.53
CA TYR A 11 -2.81 -3.09 -6.38
C TYR A 11 -2.17 -2.07 -7.33
N PRO A 12 -1.56 -2.54 -8.43
CA PRO A 12 -0.92 -1.67 -9.42
C PRO A 12 -1.93 -1.01 -10.35
N ASN A 13 -3.08 -1.64 -10.46
CA ASN A 13 -4.16 -1.15 -11.31
C ASN A 13 -5.01 -0.13 -10.56
N ALA A 14 -4.74 0.03 -9.28
CA ALA A 14 -5.48 0.97 -8.46
C ALA A 14 -4.89 2.37 -8.57
N VAL A 15 -5.73 3.34 -8.88
CA VAL A 15 -5.28 4.71 -9.04
C VAL A 15 -5.16 5.39 -7.68
N SER A 16 -3.97 5.85 -7.37
CA SER A 16 -3.71 6.53 -6.11
C SER A 16 -4.41 7.88 -6.08
N ARG A 17 -4.92 8.25 -4.90
CA ARG A 17 -5.63 9.52 -4.73
C ARG A 17 -6.90 9.56 -5.57
N LYS A 18 -7.39 8.38 -5.95
CA LYS A 18 -8.62 8.27 -6.68
C LYS A 18 -9.69 7.66 -5.78
N ASP A 19 -9.54 6.38 -5.45
CA ASP A 19 -10.44 5.71 -4.55
C ASP A 19 -9.84 5.65 -3.16
N PHE A 20 -8.57 5.27 -3.09
CA PHE A 20 -7.88 5.26 -1.82
C PHE A 20 -6.99 6.49 -1.72
N GLU A 21 -6.97 7.10 -0.55
CA GLU A 21 -6.20 8.32 -0.33
C GLU A 21 -5.39 8.17 0.93
N LEU A 22 -4.18 8.72 0.89
CA LEU A 22 -3.22 8.52 1.98
C LEU A 22 -3.15 9.73 2.87
N ARG A 23 -2.96 9.49 4.16
CA ARG A 23 -2.81 10.57 5.12
C ARG A 23 -1.78 10.18 6.18
N ASN A 24 -1.41 11.16 6.98
CA ASN A 24 -0.38 10.95 7.98
C ASN A 24 -0.99 10.88 9.36
N ASP A 25 -0.93 9.69 9.97
CA ASP A 25 -1.53 9.46 11.28
C ASP A 25 -0.64 9.98 12.39
N GLY A 26 0.66 10.01 12.12
CA GLY A 26 1.61 10.48 13.08
C GLY A 26 3.03 10.32 12.59
N ASN A 27 3.66 9.22 12.98
CA ASN A 27 5.03 8.95 12.56
C ASN A 27 5.03 8.04 11.33
N GLY A 28 4.04 8.23 10.48
CA GLY A 28 3.90 7.43 9.28
C GLY A 28 2.65 7.75 8.50
N SER A 29 2.71 7.61 7.19
CA SER A 29 1.57 7.86 6.33
C SER A 29 0.89 6.54 5.97
N TYR A 30 -0.42 6.48 6.16
CA TYR A 30 -1.17 5.24 6.00
C TYR A 30 -2.46 5.47 5.21
N ILE A 31 -3.33 4.47 5.20
CA ILE A 31 -4.61 4.56 4.53
C ILE A 31 -5.62 5.28 5.42
N GLU A 32 -6.33 6.24 4.84
CA GLU A 32 -7.42 6.87 5.55
C GLU A 32 -8.70 6.78 4.73
N LYS A 33 -8.60 7.22 3.48
CA LYS A 33 -9.74 7.17 2.57
C LYS A 33 -9.67 5.89 1.73
N TRP A 34 -10.71 5.09 1.80
CA TRP A 34 -10.74 3.82 1.08
C TRP A 34 -12.11 3.63 0.42
N ASN A 35 -12.13 3.70 -0.90
CA ASN A 35 -13.37 3.49 -1.64
C ASN A 35 -13.27 2.28 -2.56
N LEU A 36 -12.14 1.59 -2.49
CA LEU A 36 -11.95 0.39 -3.30
C LEU A 36 -12.81 -0.74 -2.77
N ARG A 37 -13.43 -1.48 -3.68
CA ARG A 37 -14.24 -2.62 -3.28
C ARG A 37 -13.35 -3.82 -3.00
N ALA A 38 -12.47 -3.64 -2.03
CA ALA A 38 -11.57 -4.68 -1.57
C ALA A 38 -11.46 -4.60 -0.06
N PRO A 39 -11.21 -5.73 0.60
CA PRO A 39 -11.06 -5.78 2.05
C PRO A 39 -9.75 -5.15 2.51
N LEU A 40 -9.77 -4.54 3.69
CA LEU A 40 -8.57 -3.96 4.27
C LEU A 40 -7.55 -5.05 4.52
N PRO A 41 -6.30 -4.82 4.08
CA PRO A 41 -5.21 -5.79 4.22
C PRO A 41 -4.79 -6.02 5.66
N THR A 42 -3.99 -7.05 5.87
CA THR A 42 -3.50 -7.38 7.19
C THR A 42 -2.04 -6.96 7.34
N GLN A 43 -1.56 -6.92 8.59
CA GLN A 43 -0.16 -6.61 8.86
C GLN A 43 0.73 -7.59 8.14
N ALA A 44 0.35 -8.86 8.20
CA ALA A 44 1.05 -9.92 7.50
C ALA A 44 1.17 -9.60 6.01
N GLU A 45 0.05 -9.19 5.41
CA GLU A 45 0.03 -8.78 4.01
C GLU A 45 0.98 -7.61 3.77
N LEU A 46 0.82 -6.56 4.57
CA LEU A 46 1.62 -5.35 4.41
C LEU A 46 3.11 -5.65 4.40
N GLU A 47 3.57 -6.43 5.36
CA GLU A 47 4.97 -6.78 5.47
C GLU A 47 5.42 -7.69 4.33
N THR A 48 4.52 -8.55 3.87
CA THR A 48 4.84 -9.44 2.74
C THR A 48 5.10 -8.63 1.48
N TRP A 49 4.24 -7.65 1.21
CA TRP A 49 4.39 -6.81 0.03
C TRP A 49 5.68 -6.01 0.13
N TRP A 50 5.96 -5.50 1.33
CA TRP A 50 7.18 -4.75 1.57
C TRP A 50 8.40 -5.64 1.37
N GLU A 51 8.31 -6.86 1.90
CA GLU A 51 9.37 -7.83 1.75
C GLU A 51 9.59 -8.20 0.28
N GLU A 52 8.51 -8.47 -0.45
CA GLU A 52 8.62 -8.78 -1.86
C GLU A 52 9.15 -7.60 -2.64
N LEU A 53 8.75 -6.40 -2.26
CA LEU A 53 9.20 -5.18 -2.94
C LEU A 53 10.71 -4.98 -2.75
N GLN A 54 11.23 -5.46 -1.63
CA GLN A 54 12.63 -5.31 -1.31
C GLN A 54 13.47 -6.49 -1.80
N LYS A 55 12.93 -7.69 -1.66
CA LYS A 55 13.69 -8.90 -1.97
C LYS A 55 13.55 -9.28 -3.44
N ASN A 56 12.57 -8.70 -4.09
CA ASN A 56 12.36 -8.92 -5.52
C ASN A 56 12.69 -7.64 -6.27
N PRO A 57 13.63 -7.72 -7.23
CA PRO A 57 14.08 -6.55 -7.99
C PRO A 57 13.03 -6.05 -8.97
N PRO A 58 12.55 -4.81 -8.79
CA PRO A 58 11.62 -4.17 -9.70
C PRO A 58 12.33 -3.70 -10.96
N TYR A 59 11.70 -3.91 -12.11
CA TYR A 59 12.32 -3.56 -13.37
C TYR A 59 12.02 -2.11 -13.73
N GLU A 60 13.07 -1.33 -13.91
CA GLU A 60 12.94 0.06 -14.30
C GLU A 60 13.23 0.21 -15.80
N MET A 1 6.53 2.98 8.14
CA MET A 1 6.39 2.21 6.89
C MET A 1 5.58 2.98 5.86
N ILE A 2 6.05 2.97 4.62
CA ILE A 2 5.34 3.65 3.55
C ILE A 2 4.30 2.70 2.95
N LEU A 3 3.03 3.03 3.14
CA LEU A 3 1.93 2.21 2.69
C LEU A 3 1.80 2.22 1.17
N TYR A 4 2.11 3.36 0.57
CA TYR A 4 1.93 3.58 -0.86
C TYR A 4 2.58 2.46 -1.69
N ASP A 5 3.83 2.15 -1.37
CA ASP A 5 4.59 1.15 -2.11
C ASP A 5 3.93 -0.21 -2.03
N ALA A 6 3.61 -0.64 -0.81
CA ALA A 6 3.01 -1.96 -0.59
C ALA A 6 1.69 -2.11 -1.34
N ILE A 7 0.86 -1.07 -1.27
CA ILE A 7 -0.45 -1.08 -1.90
C ILE A 7 -0.33 -1.20 -3.42
N MET A 8 0.53 -0.37 -4.01
CA MET A 8 0.66 -0.31 -5.45
C MET A 8 1.43 -1.52 -5.99
N TYR A 9 2.15 -2.20 -5.10
CA TYR A 9 2.83 -3.43 -5.47
C TYR A 9 1.81 -4.53 -5.73
N LYS A 10 0.82 -4.64 -4.85
CA LYS A 10 -0.22 -5.65 -4.98
C LYS A 10 -1.30 -5.21 -5.97
N TYR A 11 -1.63 -3.93 -5.96
CA TYR A 11 -2.64 -3.40 -6.86
C TYR A 11 -2.09 -2.24 -7.70
N PRO A 12 -1.68 -2.54 -8.94
CA PRO A 12 -1.15 -1.54 -9.87
C PRO A 12 -2.20 -0.52 -10.30
N ASN A 13 -3.46 -0.94 -10.29
CA ASN A 13 -4.56 -0.08 -10.71
C ASN A 13 -5.09 0.75 -9.54
N ALA A 14 -4.39 0.71 -8.41
CA ALA A 14 -4.80 1.46 -7.24
C ALA A 14 -4.39 2.93 -7.38
N VAL A 15 -5.38 3.78 -7.62
CA VAL A 15 -5.13 5.21 -7.82
C VAL A 15 -5.08 5.93 -6.48
N SER A 16 -3.88 6.30 -6.06
CA SER A 16 -3.68 6.95 -4.78
C SER A 16 -4.23 8.39 -4.80
N ARG A 17 -4.85 8.78 -3.68
CA ARG A 17 -5.39 10.14 -3.51
C ARG A 17 -6.64 10.36 -4.34
N LYS A 18 -7.19 9.28 -4.89
CA LYS A 18 -8.44 9.36 -5.62
C LYS A 18 -9.51 8.54 -4.91
N ASP A 19 -9.43 7.23 -5.07
CA ASP A 19 -10.41 6.34 -4.45
C ASP A 19 -9.94 5.90 -3.08
N PHE A 20 -8.64 5.80 -2.91
CA PHE A 20 -8.06 5.60 -1.60
C PHE A 20 -7.00 6.65 -1.36
N GLU A 21 -7.01 7.23 -0.18
CA GLU A 21 -6.07 8.30 0.12
C GLU A 21 -5.37 8.04 1.45
N LEU A 22 -4.09 8.33 1.47
CA LEU A 22 -3.30 8.16 2.66
C LEU A 22 -3.27 9.46 3.45
N ARG A 23 -3.22 9.35 4.76
CA ARG A 23 -3.11 10.50 5.63
C ARG A 23 -2.01 10.28 6.63
N ASN A 24 -1.65 11.33 7.34
CA ASN A 24 -0.54 11.28 8.27
C ASN A 24 -0.99 10.91 9.67
N ASP A 25 -0.49 9.78 10.15
CA ASP A 25 -0.75 9.37 11.53
C ASP A 25 0.31 9.99 12.43
N GLY A 26 1.46 10.27 11.84
CA GLY A 26 2.59 10.76 12.59
C GLY A 26 3.85 10.00 12.23
N ASN A 27 3.71 8.70 12.02
CA ASN A 27 4.83 7.86 11.64
C ASN A 27 5.03 7.86 10.14
N GLY A 28 3.96 8.18 9.44
CA GLY A 28 4.01 8.27 7.99
C GLY A 28 2.63 8.44 7.38
N SER A 29 2.53 8.12 6.10
CA SER A 29 1.25 8.17 5.40
C SER A 29 0.66 6.78 5.29
N TYR A 30 -0.45 6.55 5.99
CA TYR A 30 -1.08 5.25 6.02
C TYR A 30 -2.48 5.31 5.40
N ILE A 31 -3.09 4.16 5.25
CA ILE A 31 -4.42 4.05 4.66
C ILE A 31 -5.46 4.64 5.61
N GLU A 32 -6.10 5.72 5.19
CA GLU A 32 -7.10 6.36 6.01
C GLU A 32 -8.42 6.39 5.27
N LYS A 33 -8.41 6.94 4.06
CA LYS A 33 -9.61 7.01 3.24
C LYS A 33 -9.60 5.87 2.21
N TRP A 34 -10.59 4.99 2.32
CA TRP A 34 -10.68 3.86 1.40
C TRP A 34 -12.10 3.78 0.82
N ASN A 35 -12.22 4.05 -0.48
CA ASN A 35 -13.52 4.04 -1.14
C ASN A 35 -13.59 2.93 -2.18
N LEU A 36 -12.54 2.13 -2.25
CA LEU A 36 -12.46 1.04 -3.21
C LEU A 36 -13.43 -0.08 -2.85
N ARG A 37 -14.00 -0.72 -3.86
CA ARG A 37 -14.93 -1.83 -3.65
C ARG A 37 -14.16 -3.12 -3.40
N ALA A 38 -13.20 -3.06 -2.49
CA ALA A 38 -12.34 -4.18 -2.18
C ALA A 38 -11.98 -4.17 -0.71
N PRO A 39 -11.95 -5.34 -0.08
CA PRO A 39 -11.59 -5.49 1.34
C PRO A 39 -10.16 -5.03 1.62
N LEU A 40 -9.95 -4.51 2.82
CA LEU A 40 -8.64 -4.06 3.25
C LEU A 40 -7.69 -5.23 3.47
N PRO A 41 -6.41 -5.04 3.12
CA PRO A 41 -5.37 -6.00 3.45
C PRO A 41 -5.04 -5.96 4.94
N THR A 42 -4.24 -6.91 5.39
CA THR A 42 -3.83 -6.95 6.79
C THR A 42 -2.40 -6.47 6.95
N GLN A 43 -2.00 -6.21 8.19
CA GLN A 43 -0.63 -5.78 8.48
C GLN A 43 0.36 -6.79 7.94
N ALA A 44 0.11 -8.06 8.22
CA ALA A 44 0.93 -9.15 7.73
C ALA A 44 1.04 -9.11 6.21
N GLU A 45 -0.10 -8.97 5.54
CA GLU A 45 -0.13 -8.88 4.08
C GLU A 45 0.72 -7.71 3.58
N LEU A 46 0.51 -6.54 4.16
CA LEU A 46 1.23 -5.33 3.79
C LEU A 46 2.74 -5.54 3.89
N GLU A 47 3.18 -6.11 5.00
CA GLU A 47 4.59 -6.31 5.25
C GLU A 47 5.13 -7.50 4.43
N THR A 48 4.24 -8.35 3.97
CA THR A 48 4.63 -9.42 3.05
C THR A 48 5.11 -8.81 1.73
N TRP A 49 4.32 -7.91 1.18
CA TRP A 49 4.66 -7.24 -0.06
C TRP A 49 5.86 -6.33 0.14
N TRP A 50 5.99 -5.79 1.33
CA TRP A 50 7.14 -4.98 1.69
C TRP A 50 8.41 -5.81 1.61
N GLU A 51 8.35 -7.03 2.16
CA GLU A 51 9.44 -7.96 2.09
C GLU A 51 9.78 -8.30 0.65
N GLU A 52 8.75 -8.58 -0.16
CA GLU A 52 8.94 -8.91 -1.56
C GLU A 52 9.54 -7.73 -2.33
N LEU A 53 9.13 -6.52 -1.95
CA LEU A 53 9.66 -5.31 -2.55
C LEU A 53 11.15 -5.15 -2.22
N GLN A 54 11.52 -5.50 -1.00
CA GLN A 54 12.90 -5.40 -0.57
C GLN A 54 13.71 -6.60 -1.09
N LYS A 55 13.01 -7.69 -1.34
CA LYS A 55 13.62 -8.91 -1.86
C LYS A 55 13.65 -8.87 -3.38
N ASN A 56 13.53 -7.66 -3.93
CA ASN A 56 13.55 -7.40 -5.37
C ASN A 56 12.21 -7.76 -6.01
N PRO A 57 11.45 -6.71 -6.41
CA PRO A 57 10.15 -6.89 -7.06
C PRO A 57 10.28 -7.50 -8.46
N PRO A 58 9.51 -8.57 -8.73
CA PRO A 58 9.53 -9.25 -10.02
C PRO A 58 8.87 -8.42 -11.12
N TYR A 59 9.05 -8.85 -12.36
CA TYR A 59 8.43 -8.18 -13.49
C TYR A 59 7.31 -9.05 -14.06
N GLU A 60 6.16 -8.44 -14.31
CA GLU A 60 5.02 -9.16 -14.83
C GLU A 60 5.10 -9.26 -16.35
N MET A 1 6.96 2.77 7.94
CA MET A 1 6.36 1.89 6.92
C MET A 1 5.38 2.69 6.09
N ILE A 2 5.54 2.65 4.76
CA ILE A 2 4.67 3.39 3.87
C ILE A 2 3.68 2.45 3.20
N LEU A 3 2.41 2.65 3.50
CA LEU A 3 1.35 1.81 2.95
C LEU A 3 1.27 1.93 1.43
N TYR A 4 1.59 3.13 0.95
CA TYR A 4 1.48 3.44 -0.48
C TYR A 4 2.25 2.42 -1.31
N ASP A 5 3.49 2.15 -0.92
CA ASP A 5 4.34 1.21 -1.63
C ASP A 5 3.74 -0.19 -1.64
N ALA A 6 3.32 -0.66 -0.47
CA ALA A 6 2.70 -1.97 -0.35
C ALA A 6 1.47 -2.08 -1.25
N ILE A 7 0.63 -1.04 -1.25
CA ILE A 7 -0.58 -1.03 -2.06
C ILE A 7 -0.22 -1.01 -3.55
N MET A 8 0.82 -0.27 -3.90
CA MET A 8 1.26 -0.16 -5.29
C MET A 8 1.85 -1.47 -5.79
N TYR A 9 2.30 -2.31 -4.86
CA TYR A 9 2.86 -3.60 -5.24
C TYR A 9 1.74 -4.60 -5.52
N LYS A 10 0.67 -4.52 -4.74
CA LYS A 10 -0.46 -5.42 -4.90
C LYS A 10 -1.35 -4.93 -6.04
N TYR A 11 -1.72 -3.66 -5.97
CA TYR A 11 -2.57 -3.04 -6.98
C TYR A 11 -1.82 -1.89 -7.67
N PRO A 12 -1.03 -2.20 -8.71
CA PRO A 12 -0.17 -1.22 -9.37
C PRO A 12 -0.97 -0.24 -10.23
N ASN A 13 -2.17 -0.64 -10.61
CA ASN A 13 -3.02 0.18 -11.47
C ASN A 13 -3.90 1.12 -10.65
N ALA A 14 -3.89 0.92 -9.33
CA ALA A 14 -4.74 1.70 -8.43
C ALA A 14 -4.35 3.18 -8.44
N VAL A 15 -5.35 4.05 -8.37
CA VAL A 15 -5.12 5.48 -8.41
C VAL A 15 -5.26 6.09 -7.02
N SER A 16 -4.26 6.85 -6.61
CA SER A 16 -4.30 7.55 -5.34
C SER A 16 -5.31 8.69 -5.40
N ARG A 17 -6.02 8.88 -4.29
CA ARG A 17 -7.09 9.88 -4.19
C ARG A 17 -8.24 9.54 -5.13
N LYS A 18 -8.36 8.26 -5.42
CA LYS A 18 -9.48 7.74 -6.17
C LYS A 18 -9.90 6.40 -5.60
N ASP A 19 -8.97 5.44 -5.61
CA ASP A 19 -9.22 4.13 -5.03
C ASP A 19 -8.87 4.16 -3.55
N PHE A 20 -7.80 4.87 -3.22
CA PHE A 20 -7.33 4.98 -1.85
C PHE A 20 -6.59 6.30 -1.65
N GLU A 21 -6.66 6.85 -0.45
CA GLU A 21 -5.92 8.07 -0.12
C GLU A 21 -5.27 7.91 1.25
N LEU A 22 -4.02 8.30 1.36
CA LEU A 22 -3.23 8.01 2.55
C LEU A 22 -2.81 9.29 3.27
N ARG A 23 -2.56 9.16 4.55
CA ARG A 23 -2.05 10.25 5.38
C ARG A 23 -0.77 9.83 6.07
N ASN A 24 -0.14 10.77 6.75
CA ASN A 24 1.08 10.49 7.48
C ASN A 24 0.78 10.26 8.96
N ASP A 25 1.10 9.08 9.45
CA ASP A 25 0.91 8.74 10.86
C ASP A 25 2.06 9.30 11.69
N GLY A 26 3.23 9.33 11.08
CA GLY A 26 4.45 9.64 11.80
C GLY A 26 5.41 8.48 11.71
N ASN A 27 4.86 7.27 11.74
CA ASN A 27 5.63 6.07 11.53
C ASN A 27 5.55 5.65 10.06
N GLY A 28 4.99 6.54 9.25
CA GLY A 28 4.82 6.27 7.84
C GLY A 28 3.44 6.65 7.35
N SER A 29 3.16 6.37 6.09
CA SER A 29 1.87 6.67 5.51
C SER A 29 0.89 5.54 5.78
N TYR A 30 -0.30 5.88 6.27
CA TYR A 30 -1.31 4.90 6.60
C TYR A 30 -2.58 5.14 5.79
N ILE A 31 -3.51 4.20 5.86
CA ILE A 31 -4.75 4.27 5.07
C ILE A 31 -5.78 5.17 5.75
N GLU A 32 -6.20 6.19 5.03
CA GLU A 32 -7.25 7.08 5.51
C GLU A 32 -8.52 6.83 4.70
N LYS A 33 -8.41 7.00 3.39
CA LYS A 33 -9.53 6.80 2.49
C LYS A 33 -9.45 5.42 1.83
N TRP A 34 -10.56 4.69 1.85
CA TRP A 34 -10.64 3.42 1.18
C TRP A 34 -11.94 3.36 0.39
N ASN A 35 -11.81 3.36 -0.94
CA ASN A 35 -12.99 3.40 -1.80
C ASN A 35 -13.13 2.11 -2.60
N LEU A 36 -12.22 1.19 -2.37
CA LEU A 36 -12.19 -0.08 -3.11
C LEU A 36 -13.24 -1.05 -2.57
N ARG A 37 -13.78 -1.86 -3.47
CA ARG A 37 -14.75 -2.88 -3.09
C ARG A 37 -14.06 -4.16 -2.68
N ALA A 38 -12.93 -4.00 -2.03
CA ALA A 38 -12.12 -5.12 -1.60
C ALA A 38 -11.83 -5.02 -0.11
N PRO A 39 -11.86 -6.16 0.60
CA PRO A 39 -11.61 -6.21 2.04
C PRO A 39 -10.21 -5.74 2.41
N LEU A 40 -10.08 -5.13 3.58
CA LEU A 40 -8.80 -4.67 4.07
C LEU A 40 -7.88 -5.84 4.38
N PRO A 41 -6.65 -5.81 3.83
CA PRO A 41 -5.65 -6.83 4.10
C PRO A 41 -5.11 -6.74 5.53
N THR A 42 -4.32 -7.71 5.93
CA THR A 42 -3.80 -7.73 7.30
C THR A 42 -2.43 -7.08 7.35
N GLN A 43 -1.98 -6.76 8.56
CA GLN A 43 -0.68 -6.18 8.77
C GLN A 43 0.43 -7.07 8.23
N ALA A 44 0.28 -8.37 8.44
CA ALA A 44 1.23 -9.35 7.92
C ALA A 44 1.26 -9.29 6.39
N GLU A 45 0.07 -9.23 5.79
CA GLU A 45 -0.06 -9.11 4.34
C GLU A 45 0.64 -7.85 3.84
N LEU A 46 0.35 -6.73 4.49
CA LEU A 46 0.96 -5.45 4.14
C LEU A 46 2.48 -5.54 4.16
N GLU A 47 3.03 -6.12 5.21
CA GLU A 47 4.48 -6.25 5.34
C GLU A 47 5.05 -7.24 4.33
N THR A 48 4.26 -8.21 3.92
CA THR A 48 4.69 -9.20 2.94
C THR A 48 5.00 -8.53 1.61
N TRP A 49 4.07 -7.72 1.11
CA TRP A 49 4.26 -7.00 -0.14
C TRP A 49 5.39 -5.99 0.01
N TRP A 50 5.44 -5.35 1.17
CA TRP A 50 6.50 -4.41 1.49
C TRP A 50 7.87 -5.07 1.41
N GLU A 51 8.00 -6.23 2.04
CA GLU A 51 9.21 -6.97 2.07
C GLU A 51 9.65 -7.39 0.67
N GLU A 52 8.70 -7.88 -0.12
CA GLU A 52 9.01 -8.28 -1.49
C GLU A 52 9.42 -7.06 -2.31
N LEU A 53 8.72 -5.96 -2.15
CA LEU A 53 9.05 -4.72 -2.84
C LEU A 53 10.46 -4.26 -2.46
N GLN A 54 10.82 -4.44 -1.19
CA GLN A 54 12.14 -4.08 -0.71
C GLN A 54 13.22 -5.00 -1.27
N LYS A 55 12.90 -6.29 -1.38
CA LYS A 55 13.88 -7.26 -1.87
C LYS A 55 13.99 -7.23 -3.39
N ASN A 56 13.06 -6.58 -4.04
CA ASN A 56 13.01 -6.58 -5.51
C ASN A 56 13.65 -5.32 -6.08
N PRO A 57 14.12 -5.40 -7.34
CA PRO A 57 14.70 -4.26 -8.06
C PRO A 57 13.60 -3.33 -8.59
N PRO A 58 13.97 -2.11 -8.98
CA PRO A 58 13.01 -1.13 -9.53
C PRO A 58 12.47 -1.57 -10.90
N TYR A 59 11.23 -1.22 -11.16
CA TYR A 59 10.61 -1.53 -12.44
C TYR A 59 10.98 -0.45 -13.45
N GLU A 60 11.14 -0.82 -14.71
CA GLU A 60 11.52 0.12 -15.76
C GLU A 60 10.31 0.90 -16.29
N MET A 1 5.77 3.36 8.87
CA MET A 1 5.64 2.46 7.70
C MET A 1 4.93 3.19 6.58
N ILE A 2 5.32 2.93 5.35
CA ILE A 2 4.67 3.55 4.20
C ILE A 2 3.75 2.56 3.50
N LEU A 3 2.45 2.81 3.61
CA LEU A 3 1.44 1.97 3.01
C LEU A 3 1.44 2.08 1.50
N TYR A 4 1.83 3.25 1.02
CA TYR A 4 1.85 3.58 -0.41
C TYR A 4 2.59 2.51 -1.23
N ASP A 5 3.68 2.01 -0.68
CA ASP A 5 4.50 1.01 -1.39
C ASP A 5 3.76 -0.31 -1.53
N ALA A 6 3.33 -0.85 -0.40
CA ALA A 6 2.67 -2.16 -0.39
C ALA A 6 1.44 -2.19 -1.29
N ILE A 7 0.65 -1.11 -1.23
CA ILE A 7 -0.58 -1.05 -2.00
C ILE A 7 -0.30 -1.05 -3.50
N MET A 8 0.68 -0.25 -3.93
CA MET A 8 0.97 -0.14 -5.35
C MET A 8 1.83 -1.29 -5.85
N TYR A 9 2.33 -2.10 -4.92
CA TYR A 9 3.06 -3.30 -5.28
C TYR A 9 2.08 -4.39 -5.71
N LYS A 10 0.96 -4.48 -5.01
CA LYS A 10 -0.08 -5.43 -5.36
C LYS A 10 -0.94 -4.89 -6.50
N TYR A 11 -1.21 -3.60 -6.47
CA TYR A 11 -2.01 -2.97 -7.50
C TYR A 11 -1.23 -1.86 -8.20
N PRO A 12 -0.66 -2.16 -9.38
CA PRO A 12 0.07 -1.18 -10.17
C PRO A 12 -0.84 -0.04 -10.65
N ASN A 13 -2.13 -0.33 -10.74
CA ASN A 13 -3.10 0.65 -11.21
C ASN A 13 -3.82 1.30 -10.04
N ALA A 14 -3.24 1.19 -8.85
CA ALA A 14 -3.82 1.79 -7.66
C ALA A 14 -3.36 3.24 -7.51
N VAL A 15 -4.23 4.16 -7.88
CA VAL A 15 -3.94 5.58 -7.78
C VAL A 15 -4.33 6.11 -6.42
N SER A 16 -3.35 6.59 -5.66
CA SER A 16 -3.61 7.14 -4.33
C SER A 16 -4.33 8.48 -4.45
N ARG A 17 -5.13 8.80 -3.44
CA ARG A 17 -5.92 10.04 -3.40
C ARG A 17 -6.95 10.04 -4.52
N LYS A 18 -7.30 8.85 -4.98
CA LYS A 18 -8.34 8.68 -5.97
C LYS A 18 -9.38 7.71 -5.44
N ASP A 19 -9.02 6.43 -5.38
CA ASP A 19 -9.95 5.40 -4.91
C ASP A 19 -9.50 4.89 -3.54
N PHE A 20 -8.45 5.52 -3.02
CA PHE A 20 -7.98 5.30 -1.66
C PHE A 20 -7.03 6.42 -1.30
N GLU A 21 -7.28 7.08 -0.19
CA GLU A 21 -6.53 8.27 0.16
C GLU A 21 -5.67 8.03 1.40
N LEU A 22 -4.40 8.39 1.28
CA LEU A 22 -3.44 8.22 2.35
C LEU A 22 -3.07 9.57 2.94
N ARG A 23 -2.68 9.57 4.21
CA ARG A 23 -2.24 10.80 4.85
C ARG A 23 -0.95 10.59 5.62
N ASN A 24 -0.41 11.69 6.12
CA ASN A 24 0.84 11.66 6.85
C ASN A 24 0.58 11.67 8.36
N ASP A 25 1.10 10.67 9.04
CA ASP A 25 0.92 10.55 10.49
C ASP A 25 2.13 11.10 11.24
N GLY A 26 3.31 10.90 10.67
CA GLY A 26 4.53 11.27 11.35
C GLY A 26 5.42 10.05 11.52
N ASN A 27 4.81 8.90 11.61
CA ASN A 27 5.53 7.63 11.67
C ASN A 27 5.52 6.96 10.30
N GLY A 28 4.73 7.53 9.40
CA GLY A 28 4.61 6.99 8.07
C GLY A 28 3.31 7.43 7.41
N SER A 29 3.12 7.03 6.16
CA SER A 29 1.90 7.35 5.43
C SER A 29 0.92 6.19 5.54
N TYR A 30 -0.21 6.44 6.18
CA TYR A 30 -1.19 5.39 6.48
C TYR A 30 -2.41 5.47 5.59
N ILE A 31 -3.26 4.45 5.67
CA ILE A 31 -4.52 4.43 4.93
C ILE A 31 -5.60 5.11 5.75
N GLU A 32 -6.16 6.18 5.21
CA GLU A 32 -7.20 6.91 5.90
C GLU A 32 -8.57 6.56 5.33
N LYS A 33 -8.73 6.77 4.03
CA LYS A 33 -9.99 6.57 3.37
C LYS A 33 -9.85 5.53 2.26
N TRP A 34 -10.49 4.39 2.45
CA TRP A 34 -10.38 3.24 1.56
C TRP A 34 -11.67 3.09 0.75
N ASN A 35 -11.59 3.32 -0.56
CA ASN A 35 -12.77 3.25 -1.43
C ASN A 35 -12.70 2.06 -2.36
N LEU A 36 -11.65 1.26 -2.23
CA LEU A 36 -11.47 0.09 -3.07
C LEU A 36 -12.50 -0.97 -2.72
N ARG A 37 -13.02 -1.66 -3.73
CA ARG A 37 -14.05 -2.68 -3.53
C ARG A 37 -13.41 -4.01 -3.12
N ALA A 38 -12.42 -3.91 -2.25
CA ALA A 38 -11.75 -5.06 -1.71
C ALA A 38 -11.60 -4.88 -0.21
N PRO A 39 -11.74 -5.96 0.58
CA PRO A 39 -11.60 -5.89 2.03
C PRO A 39 -10.20 -5.45 2.44
N LEU A 40 -10.11 -4.89 3.64
CA LEU A 40 -8.85 -4.42 4.18
C LEU A 40 -7.89 -5.59 4.40
N PRO A 41 -6.73 -5.57 3.74
CA PRO A 41 -5.71 -6.61 3.89
C PRO A 41 -5.17 -6.69 5.31
N THR A 42 -4.41 -7.73 5.60
CA THR A 42 -3.90 -7.94 6.94
C THR A 42 -2.50 -7.36 7.07
N GLN A 43 -2.03 -7.24 8.30
CA GLN A 43 -0.72 -6.72 8.57
C GLN A 43 0.36 -7.60 7.95
N ALA A 44 0.20 -8.91 8.11
CA ALA A 44 1.13 -9.87 7.51
C ALA A 44 1.17 -9.68 6.00
N GLU A 45 -0.01 -9.53 5.40
CA GLU A 45 -0.11 -9.28 3.96
C GLU A 45 0.65 -8.02 3.57
N LEU A 46 0.34 -6.92 4.24
CA LEU A 46 0.97 -5.63 3.97
C LEU A 46 2.49 -5.71 4.07
N GLU A 47 2.98 -6.34 5.12
CA GLU A 47 4.42 -6.42 5.34
C GLU A 47 5.08 -7.43 4.40
N THR A 48 4.30 -8.36 3.85
CA THR A 48 4.84 -9.29 2.87
C THR A 48 5.12 -8.57 1.56
N TRP A 49 4.18 -7.72 1.13
CA TRP A 49 4.39 -6.90 -0.06
C TRP A 49 5.54 -5.94 0.15
N TRP A 50 5.63 -5.43 1.38
CA TRP A 50 6.74 -4.58 1.78
C TRP A 50 8.06 -5.35 1.66
N GLU A 51 8.05 -6.60 2.09
CA GLU A 51 9.23 -7.44 2.07
C GLU A 51 9.61 -7.84 0.65
N GLU A 52 8.64 -8.22 -0.16
CA GLU A 52 8.90 -8.57 -1.56
C GLU A 52 9.46 -7.37 -2.31
N LEU A 53 8.92 -6.18 -2.04
CA LEU A 53 9.42 -4.96 -2.64
C LEU A 53 10.81 -4.63 -2.09
N GLN A 54 11.05 -4.95 -0.83
CA GLN A 54 12.33 -4.68 -0.19
C GLN A 54 13.40 -5.63 -0.71
N LYS A 55 12.96 -6.79 -1.19
CA LYS A 55 13.85 -7.76 -1.81
C LYS A 55 14.18 -7.35 -3.24
N ASN A 56 13.51 -6.30 -3.70
CA ASN A 56 13.60 -5.81 -5.08
C ASN A 56 12.88 -6.78 -6.02
N PRO A 57 11.73 -6.36 -6.56
CA PRO A 57 10.90 -7.20 -7.44
C PRO A 57 11.64 -7.65 -8.70
N PRO A 58 11.35 -8.88 -9.16
CA PRO A 58 11.96 -9.43 -10.38
C PRO A 58 11.45 -8.73 -11.63
N TYR A 59 11.92 -9.21 -12.77
CA TYR A 59 11.50 -8.65 -14.06
C TYR A 59 9.99 -8.79 -14.24
N GLU A 60 9.33 -7.66 -14.41
CA GLU A 60 7.88 -7.63 -14.60
C GLU A 60 7.48 -8.31 -15.91
N MET A 1 7.58 3.14 7.28
CA MET A 1 6.89 2.20 6.37
C MET A 1 5.75 2.90 5.66
N ILE A 2 5.81 2.95 4.33
CA ILE A 2 4.81 3.65 3.55
C ILE A 2 3.88 2.67 2.86
N LEU A 3 2.58 2.82 3.11
CA LEU A 3 1.57 1.96 2.51
C LEU A 3 1.53 2.15 1.01
N TYR A 4 1.80 3.38 0.57
CA TYR A 4 1.78 3.76 -0.83
C TYR A 4 2.64 2.80 -1.67
N ASP A 5 3.86 2.55 -1.19
CA ASP A 5 4.77 1.65 -1.89
C ASP A 5 4.19 0.24 -2.00
N ALA A 6 3.67 -0.27 -0.89
CA ALA A 6 3.10 -1.61 -0.84
C ALA A 6 1.90 -1.72 -1.78
N ILE A 7 1.05 -0.69 -1.77
CA ILE A 7 -0.14 -0.67 -2.62
C ILE A 7 0.23 -0.67 -4.09
N MET A 8 1.24 0.13 -4.45
CA MET A 8 1.67 0.23 -5.84
C MET A 8 2.31 -1.06 -6.32
N TYR A 9 2.81 -1.85 -5.38
CA TYR A 9 3.39 -3.14 -5.72
C TYR A 9 2.30 -4.19 -5.90
N LYS A 10 1.27 -4.11 -5.06
CA LYS A 10 0.20 -5.10 -5.07
C LYS A 10 -0.83 -4.79 -6.16
N TYR A 11 -1.31 -3.56 -6.18
CA TYR A 11 -2.32 -3.14 -7.14
C TYR A 11 -1.95 -1.81 -7.79
N PRO A 12 -1.19 -1.86 -8.89
CA PRO A 12 -0.86 -0.68 -9.69
C PRO A 12 -2.09 -0.12 -10.40
N ASN A 13 -3.13 -0.95 -10.40
CA ASN A 13 -4.41 -0.61 -11.02
C ASN A 13 -5.20 0.38 -10.16
N ALA A 14 -4.75 0.55 -8.92
CA ALA A 14 -5.40 1.48 -8.00
C ALA A 14 -4.82 2.88 -8.14
N VAL A 15 -5.68 3.88 -8.14
CA VAL A 15 -5.24 5.25 -8.30
C VAL A 15 -5.16 5.96 -6.94
N SER A 16 -4.02 6.58 -6.69
CA SER A 16 -3.78 7.29 -5.44
C SER A 16 -4.75 8.45 -5.25
N ARG A 17 -5.30 8.55 -4.05
CA ARG A 17 -6.27 9.60 -3.69
C ARG A 17 -7.61 9.38 -4.38
N LYS A 18 -7.72 8.29 -5.10
CA LYS A 18 -8.97 7.89 -5.72
C LYS A 18 -9.51 6.64 -5.02
N ASP A 19 -8.76 5.55 -5.14
CA ASP A 19 -9.18 4.26 -4.59
C ASP A 19 -8.67 4.12 -3.16
N PHE A 20 -7.70 4.94 -2.82
CA PHE A 20 -7.15 4.97 -1.47
C PHE A 20 -6.56 6.35 -1.18
N GLU A 21 -6.94 6.90 -0.04
CA GLU A 21 -6.42 8.21 0.36
C GLU A 21 -5.48 8.02 1.55
N LEU A 22 -4.27 8.54 1.41
CA LEU A 22 -3.24 8.29 2.39
C LEU A 22 -3.24 9.36 3.48
N ARG A 23 -2.80 8.95 4.67
CA ARG A 23 -2.67 9.83 5.80
C ARG A 23 -1.39 9.49 6.54
N ASN A 24 -0.81 10.44 7.26
CA ASN A 24 0.42 10.18 7.99
C ASN A 24 0.13 9.59 9.36
N ASP A 25 0.69 8.43 9.61
CA ASP A 25 0.55 7.76 10.90
C ASP A 25 1.64 8.21 11.87
N GLY A 26 2.79 8.50 11.31
CA GLY A 26 3.97 8.75 12.10
C GLY A 26 5.05 7.76 11.76
N ASN A 27 4.66 6.50 11.63
CA ASN A 27 5.58 5.46 11.17
C ASN A 27 5.72 5.54 9.66
N GLY A 28 4.74 6.17 9.04
CA GLY A 28 4.72 6.33 7.61
C GLY A 28 3.34 6.72 7.12
N SER A 29 3.15 6.75 5.81
CA SER A 29 1.86 7.08 5.23
C SER A 29 1.01 5.82 5.10
N TYR A 30 -0.17 5.81 5.72
CA TYR A 30 -1.05 4.66 5.67
C TYR A 30 -2.37 5.03 4.99
N ILE A 31 -3.29 4.07 4.90
CA ILE A 31 -4.56 4.29 4.24
C ILE A 31 -5.62 4.78 5.22
N GLU A 32 -6.18 5.95 4.95
CA GLU A 32 -7.29 6.44 5.76
C GLU A 32 -8.60 6.16 5.04
N LYS A 33 -8.69 6.58 3.79
CA LYS A 33 -9.86 6.34 2.98
C LYS A 33 -9.68 5.09 2.15
N TRP A 34 -10.32 4.01 2.55
CA TRP A 34 -10.41 2.85 1.69
C TRP A 34 -11.61 3.03 0.80
N ASN A 35 -11.35 3.28 -0.48
CA ASN A 35 -12.42 3.69 -1.38
C ASN A 35 -12.77 2.55 -2.32
N LEU A 36 -12.03 1.47 -2.19
CA LEU A 36 -12.31 0.26 -2.94
C LEU A 36 -13.33 -0.59 -2.20
N ARG A 37 -14.15 -1.30 -2.94
CA ARG A 37 -15.16 -2.16 -2.34
C ARG A 37 -14.62 -3.56 -2.18
N ALA A 38 -13.33 -3.61 -1.86
CA ALA A 38 -12.61 -4.87 -1.71
C ALA A 38 -12.25 -5.08 -0.24
N PRO A 39 -11.93 -6.33 0.15
CA PRO A 39 -11.54 -6.65 1.52
C PRO A 39 -10.23 -5.97 1.93
N LEU A 40 -10.10 -5.68 3.22
CA LEU A 40 -8.91 -5.03 3.74
C LEU A 40 -7.81 -6.06 3.99
N PRO A 41 -6.58 -5.74 3.55
CA PRO A 41 -5.40 -6.57 3.86
C PRO A 41 -5.05 -6.51 5.34
N THR A 42 -4.22 -7.43 5.79
CA THR A 42 -3.84 -7.47 7.20
C THR A 42 -2.52 -6.77 7.41
N GLN A 43 -2.17 -6.51 8.67
CA GLN A 43 -0.87 -5.96 9.02
C GLN A 43 0.22 -6.86 8.48
N ALA A 44 0.05 -8.15 8.70
CA ALA A 44 0.96 -9.16 8.19
C ALA A 44 1.11 -9.03 6.68
N GLU A 45 -0.01 -8.96 5.97
CA GLU A 45 0.00 -8.80 4.52
C GLU A 45 0.74 -7.54 4.10
N LEU A 46 0.44 -6.43 4.75
CA LEU A 46 1.06 -5.15 4.45
C LEU A 46 2.59 -5.25 4.57
N GLU A 47 3.04 -5.89 5.64
CA GLU A 47 4.47 -6.03 5.88
C GLU A 47 5.07 -7.08 4.96
N THR A 48 4.24 -8.01 4.51
CA THR A 48 4.66 -9.03 3.56
C THR A 48 4.87 -8.42 2.17
N TRP A 49 3.95 -7.54 1.79
CA TRP A 49 4.06 -6.84 0.52
C TRP A 49 5.27 -5.90 0.55
N TRP A 50 5.56 -5.38 1.73
CA TRP A 50 6.74 -4.56 1.96
C TRP A 50 8.00 -5.39 1.74
N GLU A 51 7.92 -6.66 2.14
CA GLU A 51 9.01 -7.62 1.92
C GLU A 51 9.15 -7.96 0.44
N GLU A 52 8.04 -8.30 -0.20
CA GLU A 52 8.05 -8.63 -1.61
C GLU A 52 8.48 -7.42 -2.43
N LEU A 53 8.14 -6.23 -1.95
CA LEU A 53 8.55 -4.99 -2.57
C LEU A 53 10.06 -4.85 -2.58
N GLN A 54 10.70 -5.20 -1.48
CA GLN A 54 12.15 -5.08 -1.40
C GLN A 54 12.82 -6.22 -2.15
N LYS A 55 12.15 -7.37 -2.17
CA LYS A 55 12.64 -8.53 -2.95
C LYS A 55 12.42 -8.33 -4.45
N ASN A 56 11.59 -7.37 -4.79
CA ASN A 56 11.29 -7.06 -6.18
C ASN A 56 11.00 -5.57 -6.35
N PRO A 57 12.05 -4.74 -6.41
CA PRO A 57 11.92 -3.29 -6.46
C PRO A 57 11.40 -2.78 -7.80
N PRO A 58 10.89 -1.53 -7.83
CA PRO A 58 10.42 -0.89 -9.06
C PRO A 58 11.49 -0.92 -10.16
N TYR A 59 11.03 -0.98 -11.41
CA TYR A 59 11.93 -1.17 -12.54
C TYR A 59 12.87 0.04 -12.69
N GLU A 60 14.16 -0.26 -12.70
CA GLU A 60 15.18 0.76 -12.87
C GLU A 60 15.46 1.03 -14.35
N MET A 1 7.72 3.21 7.28
CA MET A 1 6.81 2.21 6.67
C MET A 1 5.63 2.91 6.01
N ILE A 2 5.56 2.86 4.67
CA ILE A 2 4.52 3.55 3.95
C ILE A 2 3.53 2.55 3.36
N LEU A 3 2.24 2.77 3.61
CA LEU A 3 1.19 1.89 3.11
C LEU A 3 1.11 1.95 1.59
N TYR A 4 1.41 3.12 1.04
CA TYR A 4 1.36 3.36 -0.41
C TYR A 4 2.17 2.30 -1.18
N ASP A 5 3.36 2.03 -0.69
CA ASP A 5 4.25 1.08 -1.36
C ASP A 5 3.62 -0.31 -1.43
N ALA A 6 3.12 -0.77 -0.29
CA ALA A 6 2.47 -2.08 -0.20
C ALA A 6 1.23 -2.13 -1.09
N ILE A 7 0.41 -1.09 -1.04
CA ILE A 7 -0.81 -1.02 -1.83
C ILE A 7 -0.49 -0.99 -3.32
N MET A 8 0.47 -0.15 -3.69
CA MET A 8 0.84 0.03 -5.09
C MET A 8 1.45 -1.25 -5.66
N TYR A 9 2.10 -2.02 -4.78
CA TYR A 9 2.71 -3.27 -5.18
C TYR A 9 1.65 -4.31 -5.55
N LYS A 10 0.61 -4.42 -4.74
CA LYS A 10 -0.43 -5.41 -4.99
C LYS A 10 -1.43 -4.90 -6.02
N TYR A 11 -1.70 -3.60 -6.00
CA TYR A 11 -2.64 -3.00 -6.93
C TYR A 11 -1.96 -1.90 -7.74
N PRO A 12 -1.35 -2.25 -8.89
CA PRO A 12 -0.67 -1.29 -9.76
C PRO A 12 -1.64 -0.29 -10.40
N ASN A 13 -2.89 -0.68 -10.45
CA ASN A 13 -3.93 0.16 -11.04
C ASN A 13 -4.77 0.83 -9.96
N ALA A 14 -4.20 0.97 -8.78
CA ALA A 14 -4.85 1.71 -7.71
C ALA A 14 -4.41 3.17 -7.77
N VAL A 15 -5.30 4.04 -8.21
CA VAL A 15 -4.97 5.43 -8.40
C VAL A 15 -4.92 6.18 -7.07
N SER A 16 -3.73 6.62 -6.70
CA SER A 16 -3.52 7.32 -5.44
C SER A 16 -4.21 8.68 -5.42
N ARG A 17 -4.81 9.01 -4.28
CA ARG A 17 -5.48 10.29 -4.06
C ARG A 17 -6.75 10.43 -4.89
N LYS A 18 -7.14 9.37 -5.56
CA LYS A 18 -8.41 9.32 -6.27
C LYS A 18 -9.29 8.23 -5.71
N ASP A 19 -8.77 7.01 -5.70
CA ASP A 19 -9.50 5.87 -5.16
C ASP A 19 -9.17 5.68 -3.68
N PHE A 20 -7.88 5.66 -3.37
CA PHE A 20 -7.44 5.58 -2.00
C PHE A 20 -6.59 6.79 -1.65
N GLU A 21 -6.76 7.30 -0.45
CA GLU A 21 -6.05 8.50 -0.02
C GLU A 21 -5.39 8.24 1.32
N LEU A 22 -4.12 8.59 1.42
CA LEU A 22 -3.34 8.29 2.60
C LEU A 22 -2.96 9.57 3.33
N ARG A 23 -2.75 9.44 4.63
CA ARG A 23 -2.28 10.56 5.43
C ARG A 23 -0.99 10.17 6.14
N ASN A 24 -0.19 11.15 6.51
CA ASN A 24 1.15 10.88 7.04
C ASN A 24 1.17 10.91 8.56
N ASP A 25 1.78 9.88 9.14
CA ASP A 25 1.90 9.78 10.60
C ASP A 25 3.20 10.41 11.07
N GLY A 26 4.28 10.06 10.39
CA GLY A 26 5.61 10.47 10.82
C GLY A 26 6.58 9.32 10.67
N ASN A 27 6.17 8.16 11.16
CA ASN A 27 6.96 6.93 10.99
C ASN A 27 6.51 6.20 9.74
N GLY A 28 5.63 6.85 9.00
CA GLY A 28 5.12 6.29 7.78
C GLY A 28 3.83 6.97 7.34
N SER A 29 3.12 6.35 6.42
CA SER A 29 1.87 6.89 5.93
C SER A 29 0.79 5.80 5.98
N TYR A 30 -0.39 6.17 6.45
CA TYR A 30 -1.45 5.20 6.68
C TYR A 30 -2.69 5.52 5.85
N ILE A 31 -3.67 4.63 5.87
CA ILE A 31 -4.86 4.75 5.05
C ILE A 31 -6.00 5.40 5.81
N GLU A 32 -6.72 6.32 5.15
CA GLU A 32 -7.99 6.81 5.68
C GLU A 32 -9.09 6.74 4.61
N LYS A 33 -8.69 6.73 3.34
CA LYS A 33 -9.63 6.62 2.23
C LYS A 33 -9.37 5.33 1.45
N TRP A 34 -10.44 4.61 1.11
CA TRP A 34 -10.34 3.35 0.39
C TRP A 34 -11.62 3.10 -0.38
N ASN A 35 -11.55 3.15 -1.71
CA ASN A 35 -12.74 2.90 -2.53
C ASN A 35 -12.64 1.59 -3.29
N LEU A 36 -11.47 0.99 -3.26
CA LEU A 36 -11.24 -0.27 -3.98
C LEU A 36 -12.22 -1.34 -3.54
N ARG A 37 -12.79 -2.02 -4.53
CA ARG A 37 -13.77 -3.08 -4.28
C ARG A 37 -13.08 -4.38 -3.91
N ALA A 38 -12.19 -4.28 -2.94
CA ALA A 38 -11.43 -5.42 -2.46
C ALA A 38 -11.28 -5.30 -0.95
N PRO A 39 -11.30 -6.44 -0.24
CA PRO A 39 -11.17 -6.46 1.21
C PRO A 39 -9.82 -5.91 1.69
N LEU A 40 -9.83 -5.29 2.86
CA LEU A 40 -8.62 -4.73 3.45
C LEU A 40 -7.62 -5.83 3.79
N PRO A 41 -6.35 -5.63 3.42
CA PRO A 41 -5.27 -6.56 3.71
C PRO A 41 -4.91 -6.58 5.19
N THR A 42 -4.10 -7.55 5.58
CA THR A 42 -3.68 -7.68 6.96
C THR A 42 -2.28 -7.12 7.14
N GLN A 43 -1.88 -6.93 8.39
CA GLN A 43 -0.56 -6.39 8.70
C GLN A 43 0.51 -7.34 8.18
N ALA A 44 0.25 -8.64 8.34
CA ALA A 44 1.14 -9.68 7.83
C ALA A 44 1.31 -9.56 6.33
N GLU A 45 0.20 -9.36 5.64
CA GLU A 45 0.19 -9.18 4.19
C GLU A 45 0.97 -7.92 3.81
N LEU A 46 0.73 -6.83 4.54
CA LEU A 46 1.44 -5.58 4.31
C LEU A 46 2.95 -5.77 4.46
N GLU A 47 3.34 -6.48 5.52
CA GLU A 47 4.76 -6.76 5.76
C GLU A 47 5.36 -7.56 4.61
N THR A 48 4.58 -8.52 4.11
CA THR A 48 5.05 -9.39 3.04
C THR A 48 5.31 -8.59 1.77
N TRP A 49 4.34 -7.75 1.39
CA TRP A 49 4.48 -6.93 0.19
C TRP A 49 5.65 -5.97 0.29
N TRP A 50 5.88 -5.47 1.50
CA TRP A 50 7.02 -4.58 1.74
C TRP A 50 8.32 -5.32 1.44
N GLU A 51 8.49 -6.48 2.07
CA GLU A 51 9.64 -7.32 1.87
C GLU A 51 9.80 -7.71 0.40
N GLU A 52 8.69 -8.07 -0.22
CA GLU A 52 8.69 -8.45 -1.62
C GLU A 52 9.20 -7.29 -2.49
N LEU A 53 8.69 -6.10 -2.23
CA LEU A 53 9.07 -4.92 -2.98
C LEU A 53 10.56 -4.61 -2.83
N GLN A 54 11.11 -4.94 -1.67
CA GLN A 54 12.51 -4.68 -1.38
C GLN A 54 13.42 -5.74 -2.01
N LYS A 55 12.97 -6.99 -1.97
CA LYS A 55 13.78 -8.10 -2.47
C LYS A 55 13.67 -8.30 -3.98
N ASN A 56 12.64 -7.73 -4.55
CA ASN A 56 12.38 -7.86 -5.98
C ASN A 56 12.96 -6.67 -6.74
N PRO A 57 13.28 -6.85 -8.03
CA PRO A 57 13.74 -5.76 -8.89
C PRO A 57 12.69 -4.66 -8.99
N PRO A 58 13.08 -3.41 -8.69
CA PRO A 58 12.16 -2.28 -8.68
C PRO A 58 11.55 -1.99 -10.06
N TYR A 59 10.54 -1.13 -10.07
CA TYR A 59 9.82 -0.77 -11.29
C TYR A 59 10.78 -0.22 -12.33
N GLU A 60 10.90 -0.92 -13.45
CA GLU A 60 11.78 -0.49 -14.52
C GLU A 60 11.19 0.70 -15.27
N MET A 1 6.75 3.13 8.34
CA MET A 1 6.39 2.25 7.21
C MET A 1 5.68 3.06 6.12
N ILE A 2 6.03 2.80 4.87
CA ILE A 2 5.40 3.50 3.75
C ILE A 2 4.43 2.57 3.02
N LEU A 3 3.15 2.80 3.22
CA LEU A 3 2.10 2.02 2.59
C LEU A 3 2.02 2.31 1.10
N TYR A 4 2.32 3.55 0.74
CA TYR A 4 2.21 4.02 -0.65
C TYR A 4 2.93 3.09 -1.61
N ASP A 5 4.20 2.84 -1.35
CA ASP A 5 5.00 1.97 -2.21
C ASP A 5 4.47 0.54 -2.21
N ALA A 6 4.21 0.02 -1.02
CA ALA A 6 3.73 -1.36 -0.86
C ALA A 6 2.45 -1.61 -1.66
N ILE A 7 1.47 -0.73 -1.52
CA ILE A 7 0.19 -0.89 -2.18
C ILE A 7 0.32 -0.69 -3.70
N MET A 8 1.11 0.31 -4.09
CA MET A 8 1.28 0.64 -5.51
C MET A 8 1.95 -0.51 -6.25
N TYR A 9 2.87 -1.18 -5.56
CA TYR A 9 3.57 -2.31 -6.14
C TYR A 9 2.64 -3.52 -6.28
N LYS A 10 1.85 -3.77 -5.25
CA LYS A 10 0.97 -4.93 -5.23
C LYS A 10 -0.17 -4.77 -6.23
N TYR A 11 -0.81 -3.62 -6.21
CA TYR A 11 -1.90 -3.33 -7.13
C TYR A 11 -1.57 -2.11 -7.98
N PRO A 12 -0.98 -2.33 -9.16
CA PRO A 12 -0.59 -1.23 -10.05
C PRO A 12 -1.78 -0.42 -10.56
N ASN A 13 -2.93 -1.08 -10.64
CA ASN A 13 -4.14 -0.45 -11.13
C ASN A 13 -4.99 0.11 -10.00
N ALA A 14 -4.39 0.19 -8.81
CA ALA A 14 -5.06 0.80 -7.67
C ALA A 14 -4.73 2.28 -7.60
N VAL A 15 -5.76 3.10 -7.63
CA VAL A 15 -5.57 4.54 -7.64
C VAL A 15 -5.79 5.10 -6.24
N SER A 16 -4.70 5.45 -5.54
CA SER A 16 -4.80 5.95 -4.17
C SER A 16 -5.10 7.43 -4.14
N ARG A 17 -5.96 7.83 -5.04
CA ARG A 17 -6.44 9.19 -5.11
C ARG A 17 -7.76 9.36 -4.37
N LYS A 18 -8.83 8.82 -4.96
CA LYS A 18 -10.17 8.96 -4.41
C LYS A 18 -10.75 7.62 -3.98
N ASP A 19 -10.44 6.56 -4.73
CA ASP A 19 -10.94 5.21 -4.43
C ASP A 19 -10.49 4.80 -3.04
N PHE A 20 -9.23 5.07 -2.77
CA PHE A 20 -8.70 4.97 -1.42
C PHE A 20 -7.60 6.01 -1.30
N GLU A 21 -7.40 6.53 -0.11
CA GLU A 21 -6.45 7.62 0.05
C GLU A 21 -5.59 7.41 1.29
N LEU A 22 -4.30 7.58 1.10
CA LEU A 22 -3.34 7.41 2.18
C LEU A 22 -3.04 8.73 2.86
N ARG A 23 -2.64 8.68 4.12
CA ARG A 23 -2.36 9.88 4.87
C ARG A 23 -1.06 9.73 5.64
N ASN A 24 -0.40 10.83 5.93
CA ASN A 24 0.82 10.81 6.72
C ASN A 24 0.49 10.56 8.18
N ASP A 25 1.06 9.52 8.73
CA ASP A 25 0.81 9.14 10.11
C ASP A 25 1.76 9.88 11.06
N GLY A 26 2.93 10.22 10.54
CA GLY A 26 3.96 10.80 11.36
C GLY A 26 5.12 9.84 11.51
N ASN A 27 4.77 8.57 11.74
CA ASN A 27 5.77 7.51 11.83
C ASN A 27 5.80 6.75 10.51
N GLY A 28 5.12 7.31 9.52
CA GLY A 28 5.01 6.68 8.21
C GLY A 28 3.80 7.19 7.48
N SER A 29 3.37 6.45 6.48
CA SER A 29 2.17 6.81 5.74
C SER A 29 1.26 5.59 5.63
N TYR A 30 0.03 5.72 6.13
CA TYR A 30 -0.88 4.58 6.20
C TYR A 30 -2.19 4.88 5.51
N ILE A 31 -3.10 3.92 5.53
CA ILE A 31 -4.38 4.05 4.82
C ILE A 31 -5.39 4.81 5.66
N GLU A 32 -5.85 5.95 5.14
CA GLU A 32 -6.89 6.72 5.80
C GLU A 32 -8.25 6.28 5.32
N LYS A 33 -8.45 6.33 4.01
CA LYS A 33 -9.71 5.96 3.40
C LYS A 33 -9.56 4.75 2.52
N TRP A 34 -10.61 3.96 2.44
CA TRP A 34 -10.62 2.76 1.62
C TRP A 34 -12.05 2.49 1.16
N ASN A 35 -12.29 2.65 -0.14
CA ASN A 35 -13.61 2.42 -0.71
C ASN A 35 -13.55 1.33 -1.76
N LEU A 36 -12.40 0.68 -1.86
CA LEU A 36 -12.22 -0.42 -2.79
C LEU A 36 -13.04 -1.62 -2.33
N ARG A 37 -13.53 -2.39 -3.27
CA ARG A 37 -14.34 -3.56 -2.96
C ARG A 37 -13.44 -4.76 -2.72
N ALA A 38 -12.47 -4.57 -1.85
CA ALA A 38 -11.51 -5.59 -1.48
C ALA A 38 -11.33 -5.60 0.03
N PRO A 39 -11.10 -6.77 0.63
CA PRO A 39 -10.92 -6.91 2.08
C PRO A 39 -9.77 -6.05 2.61
N LEU A 40 -10.02 -5.39 3.74
CA LEU A 40 -9.00 -4.57 4.39
C LEU A 40 -7.81 -5.44 4.80
N PRO A 41 -6.63 -5.18 4.23
CA PRO A 41 -5.44 -5.96 4.50
C PRO A 41 -5.05 -5.92 5.97
N THR A 42 -4.42 -6.98 6.40
CA THR A 42 -4.01 -7.11 7.78
C THR A 42 -2.54 -6.77 7.93
N GLN A 43 -2.05 -6.76 9.17
CA GLN A 43 -0.65 -6.43 9.47
C GLN A 43 0.28 -7.31 8.65
N ALA A 44 0.06 -8.61 8.73
CA ALA A 44 0.87 -9.57 7.99
C ALA A 44 0.82 -9.28 6.50
N GLU A 45 -0.37 -9.08 5.97
CA GLU A 45 -0.56 -8.78 4.55
C GLU A 45 0.19 -7.52 4.14
N LEU A 46 0.01 -6.44 4.90
CA LEU A 46 0.65 -5.17 4.61
C LEU A 46 2.17 -5.31 4.57
N GLU A 47 2.73 -5.94 5.59
CA GLU A 47 4.16 -6.11 5.69
C GLU A 47 4.70 -7.06 4.63
N THR A 48 3.92 -8.08 4.27
CA THR A 48 4.34 -9.03 3.25
C THR A 48 4.53 -8.34 1.90
N TRP A 49 3.62 -7.44 1.56
CA TRP A 49 3.72 -6.71 0.30
C TRP A 49 4.92 -5.79 0.32
N TRP A 50 5.23 -5.23 1.49
CA TRP A 50 6.42 -4.43 1.67
C TRP A 50 7.67 -5.30 1.53
N GLU A 51 7.59 -6.50 2.10
CA GLU A 51 8.67 -7.48 2.02
C GLU A 51 8.91 -7.90 0.58
N GLU A 52 7.83 -8.16 -0.15
CA GLU A 52 7.94 -8.55 -1.56
C GLU A 52 8.57 -7.42 -2.36
N LEU A 53 8.19 -6.19 -2.06
CA LEU A 53 8.78 -5.02 -2.70
C LEU A 53 10.25 -4.89 -2.33
N GLN A 54 10.55 -5.15 -1.05
CA GLN A 54 11.91 -5.06 -0.54
C GLN A 54 12.80 -6.12 -1.17
N LYS A 55 12.20 -7.25 -1.50
CA LYS A 55 12.91 -8.38 -2.10
C LYS A 55 12.68 -8.42 -3.62
N ASN A 56 12.17 -7.33 -4.17
CA ASN A 56 11.86 -7.29 -5.59
C ASN A 56 12.94 -6.57 -6.37
N PRO A 57 13.47 -7.21 -7.43
CA PRO A 57 14.32 -6.53 -8.40
C PRO A 57 13.52 -5.47 -9.15
N PRO A 58 14.09 -4.27 -9.33
CA PRO A 58 13.35 -3.12 -9.88
C PRO A 58 12.75 -3.38 -11.26
N TYR A 59 11.60 -2.77 -11.50
CA TYR A 59 10.91 -2.91 -12.77
C TYR A 59 11.52 -1.96 -13.78
N GLU A 60 12.22 -2.53 -14.76
CA GLU A 60 12.91 -1.74 -15.76
C GLU A 60 11.91 -0.96 -16.60
N MET A 1 6.27 2.66 8.30
CA MET A 1 5.71 1.76 7.27
C MET A 1 4.98 2.58 6.21
N ILE A 2 5.34 2.38 4.94
CA ILE A 2 4.73 3.12 3.85
C ILE A 2 3.76 2.23 3.09
N LEU A 3 2.49 2.55 3.19
CA LEU A 3 1.43 1.79 2.54
C LEU A 3 1.45 1.95 1.03
N TYR A 4 1.86 3.13 0.59
CA TYR A 4 1.81 3.51 -0.83
C TYR A 4 2.44 2.45 -1.71
N ASP A 5 3.66 2.06 -1.39
CA ASP A 5 4.38 1.08 -2.18
C ASP A 5 3.72 -0.28 -2.10
N ALA A 6 3.43 -0.71 -0.88
CA ALA A 6 2.81 -2.01 -0.64
C ALA A 6 1.49 -2.17 -1.42
N ILE A 7 0.67 -1.13 -1.39
CA ILE A 7 -0.64 -1.18 -2.03
C ILE A 7 -0.51 -1.28 -3.55
N MET A 8 0.30 -0.42 -4.15
CA MET A 8 0.39 -0.38 -5.61
C MET A 8 1.16 -1.57 -6.15
N TYR A 9 1.99 -2.17 -5.31
CA TYR A 9 2.69 -3.39 -5.65
C TYR A 9 1.71 -4.57 -5.69
N LYS A 10 0.77 -4.55 -4.76
CA LYS A 10 -0.22 -5.63 -4.66
C LYS A 10 -1.33 -5.44 -5.69
N TYR A 11 -1.87 -4.23 -5.77
CA TYR A 11 -2.97 -3.93 -6.67
C TYR A 11 -2.56 -2.90 -7.71
N PRO A 12 -2.25 -3.36 -8.94
CA PRO A 12 -1.85 -2.47 -10.04
C PRO A 12 -3.02 -1.66 -10.59
N ASN A 13 -4.22 -2.07 -10.22
CA ASN A 13 -5.44 -1.42 -10.67
C ASN A 13 -5.90 -0.37 -9.65
N ALA A 14 -5.11 -0.16 -8.61
CA ALA A 14 -5.48 0.78 -7.57
C ALA A 14 -4.77 2.11 -7.76
N VAL A 15 -5.53 3.16 -7.96
CA VAL A 15 -4.96 4.48 -8.19
C VAL A 15 -4.92 5.28 -6.89
N SER A 16 -3.74 5.84 -6.60
CA SER A 16 -3.56 6.62 -5.39
C SER A 16 -4.36 7.92 -5.47
N ARG A 17 -4.97 8.28 -4.34
CA ARG A 17 -5.82 9.47 -4.22
C ARG A 17 -7.10 9.33 -5.05
N LYS A 18 -7.29 8.16 -5.63
CA LYS A 18 -8.55 7.83 -6.27
C LYS A 18 -9.25 6.76 -5.44
N ASP A 19 -8.63 5.59 -5.37
CA ASP A 19 -9.23 4.46 -4.67
C ASP A 19 -8.76 4.40 -3.22
N PHE A 20 -7.58 4.96 -2.97
CA PHE A 20 -7.04 5.01 -1.62
C PHE A 20 -6.20 6.27 -1.44
N GLU A 21 -6.44 6.99 -0.35
CA GLU A 21 -5.66 8.18 -0.03
C GLU A 21 -4.96 7.99 1.30
N LEU A 22 -3.69 8.35 1.34
CA LEU A 22 -2.84 8.05 2.49
C LEU A 22 -2.76 9.22 3.45
N ARG A 23 -2.51 8.91 4.71
CA ARG A 23 -2.31 9.90 5.75
C ARG A 23 -1.17 9.47 6.64
N ASN A 24 -0.64 10.41 7.41
CA ASN A 24 0.50 10.14 8.26
C ASN A 24 0.06 9.91 9.70
N ASP A 25 0.60 8.89 10.33
CA ASP A 25 0.35 8.62 11.74
C ASP A 25 1.50 9.14 12.59
N GLY A 26 2.71 8.92 12.11
CA GLY A 26 3.90 9.33 12.82
C GLY A 26 5.15 8.78 12.18
N ASN A 27 5.27 7.47 12.17
CA ASN A 27 6.43 6.80 11.59
C ASN A 27 6.04 6.03 10.33
N GLY A 28 4.87 6.38 9.78
CA GLY A 28 4.39 5.70 8.59
C GLY A 28 3.18 6.39 7.99
N SER A 29 2.88 6.03 6.75
CA SER A 29 1.73 6.59 6.03
C SER A 29 0.74 5.48 5.73
N TYR A 30 -0.45 5.58 6.30
CA TYR A 30 -1.45 4.55 6.17
C TYR A 30 -2.66 5.06 5.38
N ILE A 31 -3.69 4.24 5.24
CA ILE A 31 -4.86 4.59 4.44
C ILE A 31 -5.91 5.32 5.27
N GLU A 32 -6.33 6.49 4.79
CA GLU A 32 -7.45 7.19 5.40
C GLU A 32 -8.68 7.04 4.51
N LYS A 33 -8.54 7.45 3.26
CA LYS A 33 -9.62 7.36 2.30
C LYS A 33 -9.65 6.00 1.64
N TRP A 34 -10.59 5.15 2.05
CA TRP A 34 -10.78 3.87 1.42
C TRP A 34 -11.99 3.95 0.48
N ASN A 35 -11.73 3.85 -0.81
CA ASN A 35 -12.78 4.01 -1.81
C ASN A 35 -12.96 2.71 -2.59
N LEU A 36 -12.45 1.62 -2.03
CA LEU A 36 -12.57 0.32 -2.65
C LEU A 36 -13.57 -0.54 -1.91
N ARG A 37 -14.24 -1.43 -2.62
CA ARG A 37 -15.20 -2.35 -2.02
C ARG A 37 -14.50 -3.62 -1.57
N ALA A 38 -13.28 -3.45 -1.11
CA ALA A 38 -12.44 -4.57 -0.72
C ALA A 38 -12.17 -4.53 0.78
N PRO A 39 -12.15 -5.70 1.44
CA PRO A 39 -11.81 -5.82 2.86
C PRO A 39 -10.37 -5.41 3.13
N LEU A 40 -10.15 -4.74 4.25
CA LEU A 40 -8.82 -4.34 4.66
C LEU A 40 -7.95 -5.55 4.97
N PRO A 41 -6.68 -5.54 4.55
CA PRO A 41 -5.75 -6.64 4.76
C PRO A 41 -5.21 -6.65 6.19
N THR A 42 -4.28 -7.55 6.43
CA THR A 42 -3.68 -7.70 7.75
C THR A 42 -2.27 -7.13 7.76
N GLN A 43 -1.68 -7.02 8.94
CA GLN A 43 -0.35 -6.50 9.09
C GLN A 43 0.66 -7.35 8.35
N ALA A 44 0.58 -8.67 8.56
CA ALA A 44 1.45 -9.62 7.87
C ALA A 44 1.36 -9.42 6.36
N GLU A 45 0.14 -9.27 5.87
CA GLU A 45 -0.09 -9.02 4.45
C GLU A 45 0.62 -7.76 3.99
N LEU A 46 0.34 -6.65 4.65
CA LEU A 46 0.92 -5.37 4.30
C LEU A 46 2.45 -5.43 4.32
N GLU A 47 2.99 -6.01 5.38
CA GLU A 47 4.43 -6.08 5.56
C GLU A 47 5.10 -7.01 4.55
N THR A 48 4.38 -8.04 4.10
CA THR A 48 4.91 -8.95 3.11
C THR A 48 5.11 -8.25 1.77
N TRP A 49 4.12 -7.45 1.37
CA TRP A 49 4.20 -6.71 0.11
C TRP A 49 5.38 -5.75 0.16
N TRP A 50 5.50 -5.05 1.28
CA TRP A 50 6.61 -4.13 1.49
C TRP A 50 7.94 -4.85 1.41
N GLU A 51 8.04 -5.99 2.10
CA GLU A 51 9.25 -6.78 2.12
C GLU A 51 9.60 -7.36 0.75
N GLU A 52 8.60 -7.84 0.04
CA GLU A 52 8.83 -8.36 -1.31
C GLU A 52 9.39 -7.29 -2.22
N LEU A 53 8.88 -6.07 -2.09
CA LEU A 53 9.31 -4.94 -2.90
C LEU A 53 10.77 -4.59 -2.59
N GLN A 54 11.12 -4.60 -1.31
CA GLN A 54 12.47 -4.28 -0.87
C GLN A 54 13.46 -5.37 -1.29
N LYS A 55 13.00 -6.61 -1.27
CA LYS A 55 13.86 -7.76 -1.55
C LYS A 55 13.81 -8.13 -3.04
N ASN A 56 13.14 -7.30 -3.81
CA ASN A 56 13.02 -7.50 -5.25
C ASN A 56 14.12 -6.72 -5.96
N PRO A 57 14.87 -7.38 -6.87
CA PRO A 57 15.88 -6.73 -7.71
C PRO A 57 15.34 -5.49 -8.42
N PRO A 58 16.23 -4.60 -8.88
CA PRO A 58 15.85 -3.32 -9.50
C PRO A 58 14.93 -3.49 -10.70
N TYR A 59 14.21 -2.42 -11.01
CA TYR A 59 13.29 -2.42 -12.14
C TYR A 59 14.05 -2.13 -13.43
N GLU A 60 13.64 -2.77 -14.52
CA GLU A 60 14.26 -2.54 -15.81
C GLU A 60 13.53 -1.44 -16.57
N MET A 1 7.04 2.95 7.71
CA MET A 1 6.33 2.09 6.74
C MET A 1 5.38 2.94 5.90
N ILE A 2 5.49 2.81 4.58
CA ILE A 2 4.66 3.57 3.68
C ILE A 2 3.70 2.65 2.94
N LEU A 3 2.40 2.85 3.16
CA LEU A 3 1.38 2.04 2.51
C LEU A 3 1.41 2.23 1.00
N TYR A 4 1.78 3.43 0.58
CA TYR A 4 1.86 3.80 -0.83
C TYR A 4 2.72 2.79 -1.59
N ASP A 5 3.89 2.48 -1.05
CA ASP A 5 4.82 1.56 -1.69
C ASP A 5 4.21 0.16 -1.84
N ALA A 6 3.70 -0.36 -0.73
CA ALA A 6 3.09 -1.68 -0.72
C ALA A 6 1.92 -1.79 -1.70
N ILE A 7 1.05 -0.80 -1.68
CA ILE A 7 -0.12 -0.78 -2.55
C ILE A 7 0.30 -0.62 -4.02
N MET A 8 1.20 0.32 -4.29
CA MET A 8 1.62 0.61 -5.65
C MET A 8 2.38 -0.58 -6.25
N TYR A 9 3.08 -1.31 -5.39
CA TYR A 9 3.81 -2.50 -5.80
C TYR A 9 2.86 -3.56 -6.32
N LYS A 10 1.84 -3.89 -5.54
CA LYS A 10 0.96 -4.98 -5.88
C LYS A 10 -0.11 -4.56 -6.89
N TYR A 11 -0.69 -3.38 -6.68
CA TYR A 11 -1.71 -2.87 -7.58
C TYR A 11 -1.30 -1.50 -8.13
N PRO A 12 -0.67 -1.48 -9.31
CA PRO A 12 -0.18 -0.24 -9.93
C PRO A 12 -1.31 0.61 -10.50
N ASN A 13 -2.45 -0.01 -10.70
CA ASN A 13 -3.61 0.67 -11.28
C ASN A 13 -4.40 1.41 -10.21
N ALA A 14 -3.93 1.36 -8.98
CA ALA A 14 -4.59 2.02 -7.87
C ALA A 14 -4.15 3.47 -7.74
N VAL A 15 -5.09 4.33 -7.37
CA VAL A 15 -4.81 5.75 -7.17
C VAL A 15 -5.31 6.16 -5.78
N SER A 16 -4.44 6.70 -4.95
CA SER A 16 -4.84 7.05 -3.58
C SER A 16 -5.39 8.45 -3.50
N ARG A 17 -6.10 8.82 -4.53
CA ARG A 17 -6.88 10.04 -4.54
C ARG A 17 -8.36 9.77 -4.24
N LYS A 18 -8.94 8.89 -5.04
CA LYS A 18 -10.38 8.66 -5.08
C LYS A 18 -10.77 7.36 -4.40
N ASP A 19 -10.36 6.24 -5.02
CA ASP A 19 -10.72 4.89 -4.55
C ASP A 19 -10.39 4.73 -3.09
N PHE A 20 -9.24 5.27 -2.72
CA PHE A 20 -8.79 5.31 -1.35
C PHE A 20 -7.79 6.43 -1.23
N GLU A 21 -7.28 6.68 -0.03
CA GLU A 21 -6.31 7.74 0.17
C GLU A 21 -5.42 7.41 1.36
N LEU A 22 -4.19 7.88 1.27
CA LEU A 22 -3.21 7.63 2.32
C LEU A 22 -2.79 8.96 2.94
N ARG A 23 -2.52 8.94 4.22
CA ARG A 23 -2.08 10.14 4.92
C ARG A 23 -1.03 9.80 5.97
N ASN A 24 -0.14 10.74 6.18
CA ASN A 24 0.98 10.54 7.08
C ASN A 24 0.65 11.04 8.48
N ASP A 25 0.75 10.13 9.44
CA ASP A 25 0.49 10.46 10.84
C ASP A 25 1.76 10.85 11.58
N GLY A 26 2.80 10.05 11.39
CA GLY A 26 4.00 10.19 12.18
C GLY A 26 4.57 8.83 12.54
N ASN A 27 3.67 7.88 12.78
CA ASN A 27 4.07 6.49 12.92
C ASN A 27 4.35 5.91 11.54
N GLY A 28 3.72 6.51 10.56
CA GLY A 28 3.86 6.09 9.19
C GLY A 28 2.79 6.69 8.31
N SER A 29 2.76 6.29 7.04
CA SER A 29 1.75 6.75 6.11
C SER A 29 0.79 5.62 5.81
N TYR A 30 -0.44 5.71 6.31
CA TYR A 30 -1.39 4.63 6.20
C TYR A 30 -2.65 5.06 5.48
N ILE A 31 -3.62 4.15 5.37
CA ILE A 31 -4.85 4.39 4.63
C ILE A 31 -5.88 5.11 5.51
N GLU A 32 -6.36 6.26 5.04
CA GLU A 32 -7.33 7.03 5.79
C GLU A 32 -8.68 7.05 5.08
N LYS A 33 -8.67 6.75 3.78
CA LYS A 33 -9.86 6.71 2.98
C LYS A 33 -9.96 5.36 2.28
N TRP A 34 -11.16 4.81 2.19
CA TRP A 34 -11.35 3.50 1.58
C TRP A 34 -12.75 3.36 1.01
N ASN A 35 -12.85 3.26 -0.31
CA ASN A 35 -14.13 3.08 -0.97
C ASN A 35 -14.19 1.76 -1.72
N LEU A 36 -13.08 1.03 -1.68
CA LEU A 36 -12.95 -0.20 -2.45
C LEU A 36 -13.76 -1.34 -1.83
N ARG A 37 -14.19 -2.27 -2.67
CA ARG A 37 -14.98 -3.41 -2.24
C ARG A 37 -14.10 -4.54 -1.76
N ALA A 38 -13.12 -4.20 -0.95
CA ALA A 38 -12.18 -5.17 -0.43
C ALA A 38 -11.94 -4.92 1.05
N PRO A 39 -11.85 -6.00 1.86
CA PRO A 39 -11.52 -5.89 3.28
C PRO A 39 -10.09 -5.43 3.49
N LEU A 40 -9.86 -4.65 4.53
CA LEU A 40 -8.53 -4.14 4.84
C LEU A 40 -7.59 -5.27 5.21
N PRO A 41 -6.42 -5.34 4.54
CA PRO A 41 -5.41 -6.35 4.81
C PRO A 41 -4.84 -6.23 6.23
N THR A 42 -4.16 -7.27 6.69
CA THR A 42 -3.66 -7.29 8.05
C THR A 42 -2.19 -6.86 8.10
N GLN A 43 -1.67 -6.70 9.32
CA GLN A 43 -0.28 -6.31 9.55
C GLN A 43 0.68 -7.20 8.77
N ALA A 44 0.55 -8.50 8.99
CA ALA A 44 1.38 -9.48 8.30
C ALA A 44 1.27 -9.33 6.78
N GLU A 45 0.05 -9.20 6.30
CA GLU A 45 -0.19 -9.04 4.86
C GLU A 45 0.50 -7.80 4.31
N LEU A 46 0.40 -6.69 5.04
CA LEU A 46 1.04 -5.44 4.65
C LEU A 46 2.55 -5.59 4.59
N GLU A 47 3.12 -6.25 5.59
CA GLU A 47 4.56 -6.44 5.65
C GLU A 47 5.04 -7.43 4.59
N THR A 48 4.17 -8.36 4.22
CA THR A 48 4.50 -9.33 3.18
C THR A 48 4.73 -8.63 1.84
N TRP A 49 3.86 -7.69 1.51
CA TRP A 49 3.99 -6.95 0.26
C TRP A 49 5.21 -6.04 0.31
N TRP A 50 5.47 -5.47 1.48
CA TRP A 50 6.67 -4.67 1.69
C TRP A 50 7.91 -5.53 1.48
N GLU A 51 7.92 -6.71 2.12
CA GLU A 51 9.01 -7.65 1.99
C GLU A 51 9.23 -8.07 0.54
N GLU A 52 8.14 -8.31 -0.19
CA GLU A 52 8.23 -8.66 -1.60
C GLU A 52 8.86 -7.52 -2.40
N LEU A 53 8.42 -6.29 -2.14
CA LEU A 53 8.95 -5.13 -2.83
C LEU A 53 10.45 -4.98 -2.58
N GLN A 54 10.89 -5.37 -1.39
CA GLN A 54 12.29 -5.24 -1.02
C GLN A 54 13.15 -6.37 -1.58
N LYS A 55 12.61 -7.59 -1.56
CA LYS A 55 13.38 -8.77 -1.96
C LYS A 55 13.35 -9.00 -3.46
N ASN A 56 12.40 -8.39 -4.12
CA ASN A 56 12.22 -8.57 -5.54
C ASN A 56 12.83 -7.41 -6.31
N PRO A 57 13.43 -7.71 -7.48
CA PRO A 57 13.97 -6.68 -8.37
C PRO A 57 12.91 -5.67 -8.77
N PRO A 58 13.27 -4.39 -8.79
CA PRO A 58 12.32 -3.31 -9.10
C PRO A 58 11.90 -3.30 -10.57
N TYR A 59 10.94 -2.43 -10.88
CA TYR A 59 10.48 -2.21 -12.25
C TYR A 59 11.67 -1.98 -13.18
N GLU A 60 11.77 -2.79 -14.22
CA GLU A 60 12.90 -2.73 -15.15
C GLU A 60 12.59 -1.73 -16.27
N MET A 1 5.71 2.65 8.40
CA MET A 1 5.59 1.91 7.12
C MET A 1 4.93 2.78 6.06
N ILE A 2 5.43 2.69 4.83
CA ILE A 2 4.83 3.42 3.72
C ILE A 2 3.87 2.50 2.97
N LEU A 3 2.59 2.73 3.16
CA LEU A 3 1.54 1.91 2.61
C LEU A 3 1.40 2.08 1.10
N TYR A 4 1.68 3.28 0.63
CA TYR A 4 1.48 3.63 -0.78
C TYR A 4 2.15 2.63 -1.72
N ASP A 5 3.43 2.36 -1.49
CA ASP A 5 4.18 1.44 -2.31
C ASP A 5 3.55 0.06 -2.33
N ALA A 6 3.21 -0.42 -1.13
CA ALA A 6 2.60 -1.73 -0.99
C ALA A 6 1.25 -1.82 -1.72
N ILE A 7 0.41 -0.82 -1.52
CA ILE A 7 -0.90 -0.78 -2.16
C ILE A 7 -0.77 -0.66 -3.68
N MET A 8 0.16 0.19 -4.11
CA MET A 8 0.42 0.40 -5.53
C MET A 8 0.95 -0.88 -6.18
N TYR A 9 1.62 -1.69 -5.36
CA TYR A 9 2.18 -2.94 -5.81
C TYR A 9 1.09 -3.98 -6.09
N LYS A 10 0.05 -3.96 -5.27
CA LYS A 10 -1.05 -4.90 -5.44
C LYS A 10 -2.10 -4.38 -6.42
N TYR A 11 -2.34 -3.07 -6.40
CA TYR A 11 -3.33 -2.47 -7.29
C TYR A 11 -2.73 -1.27 -8.03
N PRO A 12 -2.11 -1.51 -9.19
CA PRO A 12 -1.48 -0.44 -9.98
C PRO A 12 -2.48 0.41 -10.76
N ASN A 13 -3.67 -0.13 -10.99
CA ASN A 13 -4.69 0.57 -11.75
C ASN A 13 -5.59 1.41 -10.83
N ALA A 14 -5.25 1.47 -9.56
CA ALA A 14 -6.00 2.26 -8.60
C ALA A 14 -5.44 3.69 -8.54
N VAL A 15 -6.31 4.66 -8.31
CA VAL A 15 -5.91 6.06 -8.29
C VAL A 15 -5.59 6.53 -6.87
N SER A 16 -4.43 7.11 -6.68
CA SER A 16 -4.00 7.63 -5.39
C SER A 16 -4.95 8.74 -4.92
N ARG A 17 -5.28 8.72 -3.62
CA ARG A 17 -6.15 9.70 -2.99
C ARG A 17 -7.60 9.56 -3.45
N LYS A 18 -7.84 8.64 -4.38
CA LYS A 18 -9.18 8.40 -4.90
C LYS A 18 -9.68 7.03 -4.47
N ASP A 19 -8.97 5.98 -4.89
CA ASP A 19 -9.31 4.62 -4.50
C ASP A 19 -8.67 4.29 -3.17
N PHE A 20 -7.46 4.79 -2.97
CA PHE A 20 -6.79 4.67 -1.70
C PHE A 20 -6.17 6.01 -1.31
N GLU A 21 -6.70 6.58 -0.25
CA GLU A 21 -6.22 7.86 0.25
C GLU A 21 -5.20 7.63 1.36
N LEU A 22 -4.16 8.44 1.39
CA LEU A 22 -3.06 8.22 2.32
C LEU A 22 -3.06 9.25 3.44
N ARG A 23 -2.51 8.85 4.57
CA ARG A 23 -2.31 9.73 5.72
C ARG A 23 -0.90 9.57 6.22
N ASN A 24 -0.15 10.66 6.26
CA ASN A 24 1.23 10.62 6.72
C ASN A 24 1.33 11.02 8.18
N ASP A 25 1.76 10.08 9.01
CA ASP A 25 1.89 10.31 10.43
C ASP A 25 3.32 10.70 10.78
N GLY A 26 4.22 10.53 9.82
CA GLY A 26 5.63 10.75 10.07
C GLY A 26 6.39 9.45 10.13
N ASN A 27 5.84 8.51 10.89
CA ASN A 27 6.37 7.16 10.96
C ASN A 27 6.10 6.43 9.66
N GLY A 28 5.16 6.96 8.90
CA GLY A 28 4.81 6.40 7.62
C GLY A 28 3.50 6.93 7.10
N SER A 29 3.29 6.78 5.81
CA SER A 29 2.04 7.16 5.19
C SER A 29 1.16 5.93 5.00
N TYR A 30 0.10 5.82 5.79
CA TYR A 30 -0.77 4.65 5.75
C TYR A 30 -2.14 5.00 5.18
N ILE A 31 -3.07 4.08 5.32
CA ILE A 31 -4.41 4.23 4.73
C ILE A 31 -5.26 5.21 5.51
N GLU A 32 -5.74 6.24 4.82
CA GLU A 32 -6.71 7.18 5.36
C GLU A 32 -8.09 6.76 4.93
N LYS A 33 -8.31 6.75 3.62
CA LYS A 33 -9.62 6.45 3.06
C LYS A 33 -9.52 5.23 2.16
N TRP A 34 -10.26 4.19 2.50
CA TRP A 34 -10.29 2.99 1.68
C TRP A 34 -11.55 3.00 0.82
N ASN A 35 -11.37 3.16 -0.47
CA ASN A 35 -12.50 3.30 -1.38
C ASN A 35 -12.55 2.12 -2.35
N LEU A 36 -11.75 1.11 -2.05
CA LEU A 36 -11.72 -0.09 -2.87
C LEU A 36 -12.75 -1.10 -2.37
N ARG A 37 -13.41 -1.77 -3.29
CA ARG A 37 -14.40 -2.79 -2.95
C ARG A 37 -13.71 -4.12 -2.66
N ALA A 38 -12.64 -4.05 -1.90
CA ALA A 38 -11.87 -5.22 -1.51
C ALA A 38 -11.61 -5.18 -0.01
N PRO A 39 -11.55 -6.36 0.63
CA PRO A 39 -11.29 -6.47 2.07
C PRO A 39 -10.01 -5.77 2.50
N LEU A 40 -10.04 -5.20 3.70
CA LEU A 40 -8.87 -4.53 4.27
C LEU A 40 -7.74 -5.54 4.46
N PRO A 41 -6.56 -5.25 3.89
CA PRO A 41 -5.40 -6.14 3.97
C PRO A 41 -4.96 -6.42 5.40
N THR A 42 -4.44 -7.63 5.60
CA THR A 42 -4.00 -8.07 6.91
C THR A 42 -2.59 -7.57 7.18
N GLN A 43 -2.23 -7.48 8.46
CA GLN A 43 -0.91 -7.01 8.85
C GLN A 43 0.17 -7.88 8.21
N ALA A 44 -0.07 -9.18 8.23
CA ALA A 44 0.83 -10.13 7.59
C ALA A 44 1.03 -9.82 6.12
N GLU A 45 -0.07 -9.66 5.39
CA GLU A 45 0.00 -9.37 3.96
C GLU A 45 0.68 -8.03 3.72
N LEU A 46 0.32 -7.03 4.53
CA LEU A 46 0.93 -5.72 4.44
C LEU A 46 2.45 -5.81 4.55
N GLU A 47 2.94 -6.45 5.60
CA GLU A 47 4.36 -6.56 5.82
C GLU A 47 5.03 -7.49 4.82
N THR A 48 4.25 -8.35 4.16
CA THR A 48 4.76 -9.20 3.10
C THR A 48 5.08 -8.36 1.87
N TRP A 49 4.16 -7.48 1.48
CA TRP A 49 4.37 -6.59 0.36
C TRP A 49 5.57 -5.69 0.63
N TRP A 50 5.66 -5.22 1.87
CA TRP A 50 6.79 -4.41 2.30
C TRP A 50 8.10 -5.19 2.15
N GLU A 51 8.06 -6.45 2.58
CA GLU A 51 9.22 -7.33 2.46
C GLU A 51 9.64 -7.51 1.01
N GLU A 52 8.69 -7.83 0.16
CA GLU A 52 8.96 -8.03 -1.25
C GLU A 52 9.46 -6.74 -1.90
N LEU A 53 8.91 -5.62 -1.46
CA LEU A 53 9.36 -4.31 -1.92
C LEU A 53 10.81 -4.06 -1.51
N GLN A 54 11.14 -4.37 -0.27
CA GLN A 54 12.49 -4.19 0.25
C GLN A 54 13.45 -5.19 -0.38
N LYS A 55 12.92 -6.34 -0.77
CA LYS A 55 13.70 -7.37 -1.44
C LYS A 55 13.78 -7.08 -2.94
N ASN A 56 13.15 -5.96 -3.33
CA ASN A 56 13.09 -5.49 -4.71
C ASN A 56 12.32 -6.48 -5.59
N PRO A 57 11.04 -6.21 -5.85
CA PRO A 57 10.18 -7.08 -6.64
C PRO A 57 10.43 -6.91 -8.14
N PRO A 58 10.27 -7.99 -8.92
CA PRO A 58 10.45 -7.94 -10.37
C PRO A 58 9.31 -7.23 -11.07
N TYR A 59 9.61 -6.68 -12.23
CA TYR A 59 8.62 -5.96 -13.02
C TYR A 59 7.61 -6.96 -13.60
N GLU A 60 6.33 -6.65 -13.49
CA GLU A 60 5.28 -7.53 -13.99
C GLU A 60 5.33 -7.57 -15.52
N MET A 1 6.48 2.83 8.11
CA MET A 1 6.04 1.94 7.01
C MET A 1 5.25 2.71 5.97
N ILE A 2 5.70 2.65 4.72
CA ILE A 2 5.02 3.36 3.63
C ILE A 2 3.93 2.46 3.03
N LEU A 3 2.69 2.77 3.30
CA LEU A 3 1.58 1.99 2.77
C LEU A 3 1.44 2.21 1.27
N TYR A 4 1.72 3.44 0.84
CA TYR A 4 1.60 3.82 -0.57
C TYR A 4 2.38 2.88 -1.48
N ASP A 5 3.64 2.63 -1.15
CA ASP A 5 4.51 1.83 -2.01
C ASP A 5 4.03 0.39 -2.07
N ALA A 6 3.55 -0.12 -0.95
CA ALA A 6 3.05 -1.50 -0.87
C ALA A 6 1.78 -1.66 -1.69
N ILE A 7 0.87 -0.70 -1.57
CA ILE A 7 -0.39 -0.73 -2.32
C ILE A 7 -0.12 -0.70 -3.82
N MET A 8 0.73 0.25 -4.23
CA MET A 8 1.04 0.43 -5.64
C MET A 8 1.88 -0.73 -6.16
N TYR A 9 2.56 -1.42 -5.25
CA TYR A 9 3.38 -2.58 -5.61
C TYR A 9 2.50 -3.73 -6.08
N LYS A 10 1.38 -3.94 -5.38
CA LYS A 10 0.49 -5.04 -5.71
C LYS A 10 -0.60 -4.59 -6.69
N TYR A 11 -1.12 -3.39 -6.47
CA TYR A 11 -2.22 -2.88 -7.28
C TYR A 11 -1.82 -1.60 -8.01
N PRO A 12 -1.40 -1.71 -9.29
CA PRO A 12 -1.09 -0.55 -10.12
C PRO A 12 -2.35 0.17 -10.58
N ASN A 13 -3.47 -0.51 -10.39
CA ASN A 13 -4.78 0.02 -10.77
C ASN A 13 -5.37 0.85 -9.64
N ALA A 14 -4.63 1.00 -8.55
CA ALA A 14 -5.12 1.70 -7.39
C ALA A 14 -4.83 3.19 -7.50
N VAL A 15 -5.87 3.96 -7.79
CA VAL A 15 -5.73 5.41 -7.92
C VAL A 15 -5.74 6.09 -6.56
N SER A 16 -4.63 6.74 -6.23
CA SER A 16 -4.51 7.43 -4.95
C SER A 16 -5.41 8.66 -4.91
N ARG A 17 -5.87 9.01 -3.72
CA ARG A 17 -6.74 10.17 -3.51
C ARG A 17 -8.09 9.97 -4.21
N LYS A 18 -8.41 8.71 -4.45
CA LYS A 18 -9.67 8.34 -5.10
C LYS A 18 -10.17 7.01 -4.54
N ASP A 19 -9.50 5.92 -4.91
CA ASP A 19 -9.87 4.59 -4.44
C ASP A 19 -9.34 4.35 -3.04
N PHE A 20 -8.38 5.16 -2.65
CA PHE A 20 -7.85 5.14 -1.30
C PHE A 20 -7.16 6.46 -1.01
N GLU A 21 -7.26 6.93 0.23
CA GLU A 21 -6.62 8.18 0.59
C GLU A 21 -5.59 7.94 1.69
N LEU A 22 -4.40 8.48 1.50
CA LEU A 22 -3.34 8.34 2.46
C LEU A 22 -3.17 9.61 3.28
N ARG A 23 -2.67 9.45 4.49
CA ARG A 23 -2.36 10.61 5.33
C ARG A 23 -1.03 10.41 6.02
N ASN A 24 -0.35 11.51 6.24
CA ASN A 24 1.00 11.49 6.80
C ASN A 24 0.97 11.51 8.31
N ASP A 25 1.65 10.55 8.92
CA ASP A 25 1.72 10.45 10.37
C ASP A 25 3.09 10.90 10.88
N GLY A 26 4.03 11.05 9.96
CA GLY A 26 5.41 11.32 10.34
C GLY A 26 6.24 10.06 10.28
N ASN A 27 5.60 8.95 10.60
CA ASN A 27 6.20 7.62 10.46
C ASN A 27 5.93 7.10 9.04
N GLY A 28 5.28 7.94 8.25
CA GLY A 28 4.94 7.58 6.89
C GLY A 28 3.49 7.88 6.60
N SER A 29 3.08 7.66 5.36
CA SER A 29 1.71 7.87 4.97
C SER A 29 1.00 6.51 4.81
N TYR A 30 -0.08 6.33 5.56
CA TYR A 30 -0.85 5.09 5.51
C TYR A 30 -2.29 5.35 5.08
N ILE A 31 -3.07 4.28 5.01
CA ILE A 31 -4.42 4.34 4.49
C ILE A 31 -5.39 4.94 5.50
N GLU A 32 -6.03 6.03 5.13
CA GLU A 32 -7.08 6.61 5.94
C GLU A 32 -8.43 6.10 5.47
N LYS A 33 -8.74 6.33 4.20
CA LYS A 33 -10.00 5.92 3.64
C LYS A 33 -9.81 4.87 2.56
N TRP A 34 -10.76 3.95 2.46
CA TRP A 34 -10.67 2.83 1.54
C TRP A 34 -11.93 2.75 0.69
N ASN A 35 -11.79 3.01 -0.60
CA ASN A 35 -12.91 2.99 -1.53
C ASN A 35 -12.76 1.86 -2.53
N LEU A 36 -11.63 1.16 -2.44
CA LEU A 36 -11.35 0.03 -3.30
C LEU A 36 -12.34 -1.11 -3.03
N ARG A 37 -12.77 -1.76 -4.08
CA ARG A 37 -13.68 -2.89 -3.95
C ARG A 37 -12.91 -4.17 -3.68
N ALA A 38 -11.88 -4.03 -2.85
CA ALA A 38 -11.05 -5.14 -2.45
C ALA A 38 -11.05 -5.24 -0.94
N PRO A 39 -10.79 -6.43 -0.38
CA PRO A 39 -10.79 -6.62 1.08
C PRO A 39 -9.62 -5.93 1.74
N LEU A 40 -9.81 -5.53 3.00
CA LEU A 40 -8.74 -4.94 3.78
C LEU A 40 -7.71 -6.00 4.15
N PRO A 41 -6.48 -5.84 3.67
CA PRO A 41 -5.39 -6.77 3.97
C PRO A 41 -5.01 -6.76 5.45
N THR A 42 -4.36 -7.82 5.89
CA THR A 42 -3.97 -7.92 7.27
C THR A 42 -2.56 -7.38 7.47
N GLN A 43 -2.17 -7.18 8.72
CA GLN A 43 -0.85 -6.66 9.05
C GLN A 43 0.23 -7.53 8.43
N ALA A 44 0.06 -8.85 8.58
CA ALA A 44 0.98 -9.82 7.99
C ALA A 44 1.04 -9.69 6.48
N GLU A 45 -0.13 -9.57 5.85
CA GLU A 45 -0.22 -9.43 4.40
C GLU A 45 0.49 -8.16 3.93
N LEU A 46 0.29 -7.07 4.66
CA LEU A 46 0.93 -5.81 4.34
C LEU A 46 2.45 -5.93 4.39
N GLU A 47 2.96 -6.55 5.45
CA GLU A 47 4.40 -6.73 5.60
C GLU A 47 4.94 -7.73 4.57
N THR A 48 4.08 -8.61 4.10
CA THR A 48 4.46 -9.58 3.07
C THR A 48 4.86 -8.87 1.78
N TRP A 49 3.99 -7.98 1.31
CA TRP A 49 4.24 -7.26 0.08
C TRP A 49 5.38 -6.26 0.27
N TRP A 50 5.47 -5.72 1.49
CA TRP A 50 6.56 -4.83 1.86
C TRP A 50 7.89 -5.60 1.82
N GLU A 51 7.86 -6.82 2.32
CA GLU A 51 9.01 -7.70 2.28
C GLU A 51 9.44 -7.98 0.85
N GLU A 52 8.48 -8.39 0.02
CA GLU A 52 8.77 -8.71 -1.38
C GLU A 52 9.25 -7.48 -2.14
N LEU A 53 8.76 -6.32 -1.73
CA LEU A 53 9.16 -5.04 -2.33
C LEU A 53 10.63 -4.77 -2.04
N GLN A 54 11.07 -5.11 -0.83
CA GLN A 54 12.44 -4.86 -0.41
C GLN A 54 13.37 -6.00 -0.83
N LYS A 55 12.84 -7.22 -0.85
CA LYS A 55 13.63 -8.40 -1.21
C LYS A 55 13.78 -8.49 -2.73
N ASN A 56 12.95 -7.74 -3.41
CA ASN A 56 13.07 -7.57 -4.85
C ASN A 56 12.77 -6.11 -5.20
N PRO A 57 13.82 -5.25 -5.15
CA PRO A 57 13.68 -3.81 -5.33
C PRO A 57 13.09 -3.42 -6.68
N PRO A 58 12.28 -2.34 -6.69
CA PRO A 58 11.69 -1.81 -7.93
C PRO A 58 12.77 -1.29 -8.89
N TYR A 59 12.37 -1.02 -10.12
CA TYR A 59 13.31 -0.58 -11.14
C TYR A 59 13.08 0.88 -11.48
N GLU A 60 14.11 1.69 -11.29
CA GLU A 60 14.04 3.11 -11.64
C GLU A 60 14.44 3.30 -13.10
N MET A 1 4.61 0.42 8.13
CA MET A 1 5.57 0.80 7.06
C MET A 1 4.95 1.91 6.21
N ILE A 2 5.66 2.33 5.16
CA ILE A 2 5.09 3.27 4.22
C ILE A 2 4.08 2.55 3.35
N LEU A 3 2.80 2.81 3.61
CA LEU A 3 1.71 2.10 2.96
C LEU A 3 1.68 2.35 1.47
N TYR A 4 2.04 3.58 1.08
CA TYR A 4 1.99 4.01 -0.31
C TYR A 4 2.68 3.02 -1.25
N ASP A 5 3.88 2.61 -0.87
CA ASP A 5 4.67 1.69 -1.68
C ASP A 5 4.03 0.32 -1.71
N ALA A 6 3.74 -0.20 -0.53
CA ALA A 6 3.15 -1.53 -0.39
C ALA A 6 1.84 -1.67 -1.17
N ILE A 7 0.97 -0.69 -1.05
CA ILE A 7 -0.34 -0.75 -1.70
C ILE A 7 -0.22 -0.73 -3.21
N MET A 8 0.68 0.11 -3.74
CA MET A 8 0.82 0.22 -5.20
C MET A 8 1.51 -1.00 -5.77
N TYR A 9 2.20 -1.75 -4.93
CA TYR A 9 2.79 -3.02 -5.33
C TYR A 9 1.69 -4.07 -5.45
N LYS A 10 0.69 -3.95 -4.59
CA LYS A 10 -0.46 -4.86 -4.60
C LYS A 10 -1.40 -4.52 -5.75
N TYR A 11 -1.83 -3.27 -5.82
CA TYR A 11 -2.75 -2.83 -6.86
C TYR A 11 -2.13 -1.70 -7.69
N PRO A 12 -1.45 -2.05 -8.78
CA PRO A 12 -0.84 -1.05 -9.69
C PRO A 12 -1.87 -0.14 -10.35
N ASN A 13 -3.10 -0.62 -10.46
CA ASN A 13 -4.15 0.16 -11.10
C ASN A 13 -4.95 0.96 -10.08
N ALA A 14 -4.47 1.01 -8.85
CA ALA A 14 -5.12 1.79 -7.80
C ALA A 14 -4.54 3.19 -7.75
N VAL A 15 -5.41 4.20 -7.81
CA VAL A 15 -4.96 5.58 -7.83
C VAL A 15 -4.99 6.20 -6.44
N SER A 16 -3.82 6.58 -5.95
CA SER A 16 -3.69 7.24 -4.66
C SER A 16 -4.34 8.62 -4.68
N ARG A 17 -4.97 8.98 -3.57
CA ARG A 17 -5.66 10.28 -3.42
C ARG A 17 -6.87 10.35 -4.34
N LYS A 18 -7.38 9.18 -4.74
CA LYS A 18 -8.54 9.11 -5.60
C LYS A 18 -9.46 7.98 -5.17
N ASP A 19 -9.00 6.75 -5.36
CA ASP A 19 -9.80 5.59 -4.98
C ASP A 19 -9.45 5.15 -3.58
N PHE A 20 -8.18 5.30 -3.23
CA PHE A 20 -7.75 5.11 -1.86
C PHE A 20 -6.89 6.31 -1.46
N GLU A 21 -7.18 6.88 -0.31
CA GLU A 21 -6.50 8.09 0.11
C GLU A 21 -5.64 7.84 1.34
N LEU A 22 -4.39 8.22 1.23
CA LEU A 22 -3.44 8.07 2.33
C LEU A 22 -3.12 9.43 2.91
N ARG A 23 -2.83 9.48 4.19
CA ARG A 23 -2.48 10.72 4.86
C ARG A 23 -1.20 10.56 5.67
N ASN A 24 -0.63 11.68 6.05
CA ASN A 24 0.66 11.71 6.74
C ASN A 24 0.48 11.45 8.23
N ASP A 25 1.18 10.45 8.74
CA ASP A 25 1.15 10.12 10.15
C ASP A 25 2.26 10.87 10.89
N GLY A 26 3.47 10.73 10.38
CA GLY A 26 4.63 11.32 11.02
C GLY A 26 5.89 10.57 10.69
N ASN A 27 5.75 9.25 10.57
CA ASN A 27 6.86 8.39 10.17
C ASN A 27 6.45 7.65 8.90
N GLY A 28 5.68 8.32 8.06
CA GLY A 28 5.16 7.71 6.87
C GLY A 28 3.70 8.06 6.63
N SER A 29 3.14 7.55 5.56
CA SER A 29 1.75 7.78 5.24
C SER A 29 0.95 6.48 5.34
N TYR A 30 -0.24 6.55 5.92
CA TYR A 30 -1.05 5.36 6.16
C TYR A 30 -2.41 5.48 5.47
N ILE A 31 -3.20 4.41 5.55
CA ILE A 31 -4.50 4.38 4.89
C ILE A 31 -5.56 5.06 5.75
N GLU A 32 -6.22 6.08 5.20
CA GLU A 32 -7.30 6.72 5.91
C GLU A 32 -8.62 6.54 5.15
N LYS A 33 -8.55 6.50 3.83
CA LYS A 33 -9.74 6.34 3.02
C LYS A 33 -9.62 5.14 2.10
N TRP A 34 -10.65 4.33 2.06
CA TRP A 34 -10.67 3.12 1.24
C TRP A 34 -12.00 3.04 0.49
N ASN A 35 -11.96 3.26 -0.82
CA ASN A 35 -13.19 3.27 -1.61
C ASN A 35 -13.27 2.03 -2.48
N LEU A 36 -12.25 1.20 -2.40
CA LEU A 36 -12.23 -0.08 -3.10
C LEU A 36 -13.31 -1.00 -2.53
N ARG A 37 -13.93 -1.79 -3.38
CA ARG A 37 -14.98 -2.69 -2.96
C ARG A 37 -14.39 -4.04 -2.58
N ALA A 38 -13.20 -3.98 -2.03
CA ALA A 38 -12.47 -5.17 -1.63
C ALA A 38 -12.08 -5.07 -0.17
N PRO A 39 -12.08 -6.20 0.55
CA PRO A 39 -11.74 -6.24 1.97
C PRO A 39 -10.31 -5.75 2.25
N LEU A 40 -10.12 -5.19 3.43
CA LEU A 40 -8.83 -4.68 3.84
C LEU A 40 -7.82 -5.81 3.99
N PRO A 41 -6.57 -5.59 3.56
CA PRO A 41 -5.50 -6.60 3.65
C PRO A 41 -5.14 -6.94 5.09
N THR A 42 -4.41 -8.03 5.26
CA THR A 42 -4.01 -8.47 6.59
C THR A 42 -2.69 -7.83 6.98
N GLN A 43 -2.43 -7.76 8.29
CA GLN A 43 -1.17 -7.24 8.78
C GLN A 43 -0.01 -8.03 8.19
N ALA A 44 -0.19 -9.34 8.18
CA ALA A 44 0.79 -10.26 7.61
C ALA A 44 1.08 -9.93 6.15
N GLU A 45 0.04 -9.77 5.33
CA GLU A 45 0.22 -9.48 3.93
C GLU A 45 0.90 -8.13 3.73
N LEU A 46 0.50 -7.13 4.52
CA LEU A 46 1.13 -5.81 4.48
C LEU A 46 2.65 -5.92 4.60
N GLU A 47 3.09 -6.66 5.61
CA GLU A 47 4.51 -6.89 5.84
C GLU A 47 5.14 -7.61 4.66
N THR A 48 4.43 -8.60 4.15
CA THR A 48 4.92 -9.42 3.05
C THR A 48 5.08 -8.59 1.77
N TRP A 49 4.19 -7.62 1.56
CA TRP A 49 4.31 -6.70 0.41
C TRP A 49 5.64 -5.96 0.49
N TRP A 50 5.94 -5.46 1.69
CA TRP A 50 7.18 -4.73 1.92
C TRP A 50 8.38 -5.65 1.68
N GLU A 51 8.25 -6.89 2.13
CA GLU A 51 9.29 -7.89 1.93
C GLU A 51 9.52 -8.15 0.45
N GLU A 52 8.43 -8.40 -0.29
CA GLU A 52 8.51 -8.64 -1.72
C GLU A 52 9.10 -7.44 -2.46
N LEU A 53 8.65 -6.25 -2.08
CA LEU A 53 9.10 -5.03 -2.74
C LEU A 53 10.59 -4.78 -2.54
N GLN A 54 11.09 -5.14 -1.36
CA GLN A 54 12.49 -4.93 -1.03
C GLN A 54 13.37 -6.04 -1.63
N LYS A 55 12.84 -7.24 -1.69
CA LYS A 55 13.60 -8.38 -2.21
C LYS A 55 13.47 -8.50 -3.73
N ASN A 56 12.55 -7.74 -4.28
CA ASN A 56 12.30 -7.71 -5.72
C ASN A 56 13.57 -7.32 -6.46
N PRO A 57 13.99 -8.14 -7.45
CA PRO A 57 15.16 -7.85 -8.29
C PRO A 57 15.10 -6.45 -8.91
N PRO A 58 16.29 -5.89 -9.26
CA PRO A 58 16.41 -4.54 -9.82
C PRO A 58 15.34 -4.21 -10.86
N TYR A 59 14.79 -3.01 -10.76
CA TYR A 59 13.73 -2.57 -11.65
C TYR A 59 14.26 -2.36 -13.05
N GLU A 60 13.61 -2.98 -14.03
CA GLU A 60 13.99 -2.82 -15.42
C GLU A 60 13.14 -1.74 -16.09
N MET A 1 8.49 2.35 6.55
CA MET A 1 7.45 1.58 5.84
C MET A 1 6.30 2.50 5.44
N ILE A 2 6.01 2.55 4.16
CA ILE A 2 4.95 3.40 3.64
C ILE A 2 3.87 2.55 2.99
N LEU A 3 2.62 2.81 3.33
CA LEU A 3 1.50 2.06 2.78
C LEU A 3 1.45 2.17 1.27
N TYR A 4 1.83 3.33 0.75
CA TYR A 4 1.82 3.60 -0.68
C TYR A 4 2.57 2.53 -1.47
N ASP A 5 3.81 2.29 -1.06
CA ASP A 5 4.65 1.31 -1.74
C ASP A 5 4.05 -0.08 -1.68
N ALA A 6 3.62 -0.48 -0.49
CA ALA A 6 3.04 -1.80 -0.27
C ALA A 6 1.81 -2.02 -1.16
N ILE A 7 0.88 -1.07 -1.13
CA ILE A 7 -0.35 -1.19 -1.90
C ILE A 7 -0.04 -1.22 -3.40
N MET A 8 0.88 -0.37 -3.82
CA MET A 8 1.20 -0.24 -5.23
C MET A 8 1.89 -1.52 -5.74
N TYR A 9 2.52 -2.24 -4.84
CA TYR A 9 3.17 -3.50 -5.19
C TYR A 9 2.13 -4.58 -5.48
N LYS A 10 1.13 -4.69 -4.61
CA LYS A 10 0.09 -5.69 -4.79
C LYS A 10 -0.83 -5.33 -5.95
N TYR A 11 -1.32 -4.10 -5.94
CA TYR A 11 -2.22 -3.64 -6.99
C TYR A 11 -1.58 -2.52 -7.79
N PRO A 12 -0.94 -2.84 -8.92
CA PRO A 12 -0.35 -1.84 -9.82
C PRO A 12 -1.41 -0.98 -10.50
N ASN A 13 -2.64 -1.48 -10.47
CA ASN A 13 -3.76 -0.81 -11.08
C ASN A 13 -4.54 0.01 -10.06
N ALA A 14 -3.96 0.16 -8.87
CA ALA A 14 -4.61 0.88 -7.79
C ALA A 14 -4.39 2.38 -7.92
N VAL A 15 -5.43 3.15 -7.62
CA VAL A 15 -5.35 4.60 -7.73
C VAL A 15 -5.31 5.21 -6.34
N SER A 16 -4.11 5.35 -5.77
CA SER A 16 -3.97 5.96 -4.45
C SER A 16 -3.94 7.47 -4.60
N ARG A 17 -4.75 7.93 -5.52
CA ARG A 17 -4.94 9.33 -5.79
C ARG A 17 -6.16 9.87 -5.06
N LYS A 18 -7.27 9.20 -5.30
CA LYS A 18 -8.57 9.76 -5.00
C LYS A 18 -9.53 8.67 -4.53
N ASP A 19 -9.56 7.54 -5.25
CA ASP A 19 -10.42 6.41 -4.87
C ASP A 19 -10.01 5.89 -3.51
N PHE A 20 -8.75 6.09 -3.20
CA PHE A 20 -8.26 5.92 -1.85
C PHE A 20 -7.02 6.75 -1.68
N GLU A 21 -6.80 7.22 -0.47
CA GLU A 21 -5.76 8.20 -0.21
C GLU A 21 -5.15 7.97 1.16
N LEU A 22 -3.85 8.24 1.27
CA LEU A 22 -3.15 8.03 2.52
C LEU A 22 -3.04 9.35 3.29
N ARG A 23 -2.96 9.23 4.60
CA ARG A 23 -2.77 10.38 5.46
C ARG A 23 -1.75 10.07 6.53
N ASN A 24 -1.32 11.10 7.23
CA ASN A 24 -0.31 10.96 8.27
C ASN A 24 -0.97 10.64 9.61
N ASP A 25 -0.52 9.55 10.22
CA ASP A 25 -1.03 9.16 11.54
C ASP A 25 -0.02 9.55 12.62
N GLY A 26 1.20 9.84 12.20
CA GLY A 26 2.27 10.18 13.12
C GLY A 26 3.50 9.33 12.88
N ASN A 27 3.30 8.01 12.88
CA ASN A 27 4.39 7.06 12.65
C ASN A 27 4.53 6.80 11.15
N GLY A 28 3.84 7.59 10.34
CA GLY A 28 3.93 7.45 8.90
C GLY A 28 2.60 7.73 8.22
N SER A 29 2.53 7.43 6.93
CA SER A 29 1.31 7.64 6.17
C SER A 29 0.59 6.31 5.96
N TYR A 30 -0.67 6.27 6.36
CA TYR A 30 -1.47 5.05 6.28
C TYR A 30 -2.73 5.30 5.47
N ILE A 31 -3.53 4.24 5.29
CA ILE A 31 -4.77 4.34 4.53
C ILE A 31 -5.84 5.02 5.36
N GLU A 32 -6.38 6.13 4.87
CA GLU A 32 -7.45 6.82 5.58
C GLU A 32 -8.69 6.95 4.71
N LYS A 33 -8.51 7.35 3.47
CA LYS A 33 -9.61 7.35 2.52
C LYS A 33 -9.66 6.02 1.80
N TRP A 34 -10.85 5.44 1.74
CA TRP A 34 -11.02 4.11 1.17
C TRP A 34 -12.43 3.99 0.59
N ASN A 35 -12.52 3.93 -0.73
CA ASN A 35 -13.81 3.91 -1.41
C ASN A 35 -14.12 2.53 -1.97
N LEU A 36 -13.23 1.58 -1.73
CA LEU A 36 -13.39 0.25 -2.26
C LEU A 36 -14.12 -0.63 -1.26
N ARG A 37 -14.91 -1.56 -1.78
CA ARG A 37 -15.69 -2.47 -0.94
C ARG A 37 -14.83 -3.65 -0.50
N ALA A 38 -13.63 -3.37 -0.02
CA ALA A 38 -12.72 -4.41 0.40
C ALA A 38 -12.24 -4.16 1.82
N PRO A 39 -12.00 -5.22 2.60
CA PRO A 39 -11.44 -5.11 3.93
C PRO A 39 -9.98 -4.67 3.87
N LEU A 40 -9.57 -3.87 4.86
CA LEU A 40 -8.19 -3.40 4.93
C LEU A 40 -7.24 -4.58 5.16
N PRO A 41 -6.13 -4.61 4.39
CA PRO A 41 -5.14 -5.68 4.46
C PRO A 41 -4.52 -5.82 5.85
N THR A 42 -3.95 -7.00 6.11
CA THR A 42 -3.43 -7.31 7.42
C THR A 42 -1.97 -6.87 7.54
N GLN A 43 -1.52 -6.70 8.78
CA GLN A 43 -0.15 -6.32 9.06
C GLN A 43 0.81 -7.28 8.38
N ALA A 44 0.50 -8.56 8.51
CA ALA A 44 1.30 -9.63 7.90
C ALA A 44 1.42 -9.43 6.39
N GLU A 45 0.28 -9.26 5.72
CA GLU A 45 0.29 -9.10 4.27
C GLU A 45 1.02 -7.81 3.89
N LEU A 46 0.76 -6.74 4.62
CA LEU A 46 1.43 -5.46 4.38
C LEU A 46 2.94 -5.60 4.38
N GLU A 47 3.46 -6.30 5.40
CA GLU A 47 4.89 -6.48 5.53
C GLU A 47 5.43 -7.46 4.50
N THR A 48 4.59 -8.40 4.08
CA THR A 48 4.97 -9.34 3.04
C THR A 48 5.08 -8.65 1.68
N TRP A 49 4.15 -7.74 1.39
CA TRP A 49 4.24 -6.93 0.17
C TRP A 49 5.54 -6.14 0.19
N TRP A 50 5.80 -5.51 1.33
CA TRP A 50 7.00 -4.72 1.53
C TRP A 50 8.24 -5.57 1.30
N GLU A 51 8.27 -6.75 1.92
CA GLU A 51 9.36 -7.69 1.75
C GLU A 51 9.58 -8.04 0.30
N GLU A 52 8.51 -8.49 -0.36
CA GLU A 52 8.59 -8.91 -1.76
C GLU A 52 8.93 -7.74 -2.67
N LEU A 53 8.51 -6.54 -2.29
CA LEU A 53 8.86 -5.34 -3.03
C LEU A 53 10.36 -5.07 -2.95
N GLN A 54 10.92 -5.33 -1.76
CA GLN A 54 12.34 -5.14 -1.53
C GLN A 54 13.15 -6.30 -2.07
N LYS A 55 12.55 -7.48 -2.05
CA LYS A 55 13.21 -8.70 -2.50
C LYS A 55 13.18 -8.79 -4.02
N ASN A 56 12.35 -7.98 -4.62
CA ASN A 56 12.30 -7.83 -6.07
C ASN A 56 12.87 -6.46 -6.43
N PRO A 57 14.17 -6.40 -6.69
CA PRO A 57 14.89 -5.13 -6.89
C PRO A 57 14.33 -4.30 -8.04
N PRO A 58 13.92 -3.05 -7.75
CA PRO A 58 13.48 -2.12 -8.77
C PRO A 58 14.63 -1.76 -9.71
N TYR A 59 14.32 -1.58 -10.98
CA TYR A 59 15.35 -1.37 -11.98
C TYR A 59 15.48 0.11 -12.29
N GLU A 60 16.69 0.54 -12.62
CA GLU A 60 16.93 1.92 -13.00
C GLU A 60 16.32 2.21 -14.37
N MET A 1 7.17 2.88 7.89
CA MET A 1 6.57 1.93 6.93
C MET A 1 5.62 2.68 6.01
N ILE A 2 5.89 2.66 4.72
CA ILE A 2 5.06 3.36 3.76
C ILE A 2 4.06 2.41 3.12
N LEU A 3 2.79 2.63 3.42
CA LEU A 3 1.72 1.83 2.88
C LEU A 3 1.59 2.01 1.38
N TYR A 4 1.90 3.22 0.92
CA TYR A 4 1.83 3.56 -0.50
C TYR A 4 2.61 2.56 -1.35
N ASP A 5 3.87 2.36 -1.01
CA ASP A 5 4.74 1.45 -1.74
C ASP A 5 4.22 0.03 -1.69
N ALA A 6 3.81 -0.40 -0.51
CA ALA A 6 3.28 -1.75 -0.31
C ALA A 6 2.04 -1.99 -1.18
N ILE A 7 1.07 -1.09 -1.09
CA ILE A 7 -0.17 -1.23 -1.85
C ILE A 7 0.09 -1.16 -3.35
N MET A 8 0.97 -0.24 -3.75
CA MET A 8 1.30 -0.06 -5.17
C MET A 8 2.10 -1.23 -5.72
N TYR A 9 2.62 -2.07 -4.81
CA TYR A 9 3.32 -3.28 -5.20
C TYR A 9 2.31 -4.40 -5.50
N LYS A 10 1.28 -4.47 -4.68
CA LYS A 10 0.23 -5.47 -4.83
C LYS A 10 -0.72 -5.09 -5.96
N TYR A 11 -1.23 -3.88 -5.92
CA TYR A 11 -2.20 -3.40 -6.90
C TYR A 11 -1.62 -2.21 -7.67
N PRO A 12 -1.08 -2.46 -8.86
CA PRO A 12 -0.41 -1.42 -9.67
C PRO A 12 -1.38 -0.34 -10.15
N ASN A 13 -2.63 -0.71 -10.38
CA ASN A 13 -3.62 0.23 -10.90
C ASN A 13 -4.55 0.74 -9.82
N ALA A 14 -4.14 0.61 -8.57
CA ALA A 14 -4.92 1.11 -7.46
C ALA A 14 -4.69 2.60 -7.26
N VAL A 15 -5.75 3.39 -7.38
CA VAL A 15 -5.64 4.83 -7.27
C VAL A 15 -5.71 5.25 -5.80
N SER A 16 -4.56 5.30 -5.15
CA SER A 16 -4.52 5.70 -3.74
C SER A 16 -4.45 7.20 -3.62
N ARG A 17 -5.15 7.84 -4.53
CA ARG A 17 -5.30 9.27 -4.56
C ARG A 17 -6.61 9.68 -3.92
N LYS A 18 -7.69 9.19 -4.51
CA LYS A 18 -9.03 9.67 -4.23
C LYS A 18 -9.99 8.53 -3.90
N ASP A 19 -9.91 7.45 -4.67
CA ASP A 19 -10.79 6.30 -4.42
C ASP A 19 -10.47 5.69 -3.08
N PHE A 20 -9.19 5.72 -2.72
CA PHE A 20 -8.79 5.49 -1.36
C PHE A 20 -7.62 6.40 -1.05
N GLU A 21 -7.70 7.08 0.09
CA GLU A 21 -6.78 8.15 0.40
C GLU A 21 -5.76 7.72 1.44
N LEU A 22 -4.54 8.18 1.26
CA LEU A 22 -3.48 7.92 2.21
C LEU A 22 -3.05 9.20 2.89
N ARG A 23 -2.54 9.08 4.10
CA ARG A 23 -2.04 10.24 4.83
C ARG A 23 -0.83 9.84 5.66
N ASN A 24 -0.23 10.82 6.28
CA ASN A 24 0.99 10.63 7.04
C ASN A 24 0.85 11.26 8.43
N ASP A 25 0.92 10.43 9.47
CA ASP A 25 0.86 10.94 10.83
C ASP A 25 2.19 11.58 11.21
N GLY A 26 3.25 11.09 10.56
CA GLY A 26 4.57 11.61 10.84
C GLY A 26 5.61 10.50 10.81
N ASN A 27 5.26 9.37 11.41
CA ASN A 27 6.19 8.26 11.52
C ASN A 27 5.92 7.22 10.44
N GLY A 28 4.92 7.49 9.62
CA GLY A 28 4.58 6.60 8.54
C GLY A 28 3.36 7.07 7.77
N SER A 29 3.25 6.63 6.53
CA SER A 29 2.12 6.99 5.68
C SER A 29 1.19 5.79 5.55
N TYR A 30 -0.06 5.99 5.94
CA TYR A 30 -1.04 4.91 6.01
C TYR A 30 -2.34 5.29 5.31
N ILE A 31 -3.31 4.39 5.32
CA ILE A 31 -4.59 4.59 4.65
C ILE A 31 -5.57 5.31 5.58
N GLU A 32 -6.24 6.33 5.08
CA GLU A 32 -7.25 7.02 5.88
C GLU A 32 -8.67 6.78 5.32
N LYS A 33 -8.78 6.67 4.00
CA LYS A 33 -10.06 6.35 3.37
C LYS A 33 -9.91 5.15 2.46
N TRP A 34 -10.97 4.37 2.34
CA TRP A 34 -10.98 3.19 1.49
C TRP A 34 -12.35 3.03 0.83
N ASN A 35 -12.42 3.22 -0.48
CA ASN A 35 -13.68 3.13 -1.19
C ASN A 35 -13.58 2.09 -2.31
N LEU A 36 -12.53 1.28 -2.26
CA LEU A 36 -12.31 0.25 -3.27
C LEU A 36 -13.40 -0.82 -3.20
N ARG A 37 -13.64 -1.46 -4.33
CA ARG A 37 -14.62 -2.53 -4.42
C ARG A 37 -14.01 -3.85 -3.94
N ALA A 38 -13.27 -3.76 -2.85
CA ALA A 38 -12.55 -4.89 -2.28
C ALA A 38 -12.39 -4.68 -0.79
N PRO A 39 -12.25 -5.77 -0.01
CA PRO A 39 -12.07 -5.68 1.44
C PRO A 39 -10.68 -5.17 1.82
N LEU A 40 -10.50 -4.89 3.11
CA LEU A 40 -9.23 -4.40 3.62
C LEU A 40 -8.25 -5.55 3.81
N PRO A 41 -6.98 -5.36 3.38
CA PRO A 41 -5.93 -6.35 3.57
C PRO A 41 -5.50 -6.47 5.03
N THR A 42 -4.64 -7.44 5.31
CA THR A 42 -4.21 -7.68 6.69
C THR A 42 -2.84 -7.05 6.94
N GLN A 43 -2.52 -6.86 8.21
CA GLN A 43 -1.24 -6.29 8.63
C GLN A 43 -0.11 -7.13 8.07
N ALA A 44 -0.25 -8.44 8.19
CA ALA A 44 0.73 -9.37 7.68
C ALA A 44 0.93 -9.20 6.17
N GLU A 45 -0.17 -9.11 5.43
CA GLU A 45 -0.10 -8.94 3.98
C GLU A 45 0.63 -7.67 3.62
N LEU A 46 0.28 -6.58 4.31
CA LEU A 46 0.90 -5.28 4.07
C LEU A 46 2.42 -5.37 4.11
N GLU A 47 2.96 -5.99 5.15
CA GLU A 47 4.40 -6.12 5.29
C GLU A 47 4.98 -7.10 4.29
N THR A 48 4.21 -8.09 3.89
CA THR A 48 4.67 -9.08 2.93
C THR A 48 4.92 -8.43 1.57
N TRP A 49 4.06 -7.50 1.20
CA TRP A 49 4.24 -6.74 -0.03
C TRP A 49 5.51 -5.91 0.07
N TRP A 50 5.72 -5.30 1.24
CA TRP A 50 6.92 -4.53 1.51
C TRP A 50 8.16 -5.43 1.44
N GLU A 51 8.06 -6.59 2.05
CA GLU A 51 9.15 -7.55 2.06
C GLU A 51 9.53 -7.99 0.64
N GLU A 52 8.53 -8.34 -0.16
CA GLU A 52 8.76 -8.69 -1.55
C GLU A 52 9.24 -7.49 -2.36
N LEU A 53 8.83 -6.29 -1.95
CA LEU A 53 9.28 -5.06 -2.58
C LEU A 53 10.78 -4.85 -2.37
N GLN A 54 11.21 -4.87 -1.13
CA GLN A 54 12.62 -4.66 -0.80
C GLN A 54 13.48 -5.85 -1.23
N LYS A 55 12.90 -7.04 -1.18
CA LYS A 55 13.59 -8.26 -1.62
C LYS A 55 13.22 -8.56 -3.07
N ASN A 56 12.88 -7.50 -3.81
CA ASN A 56 12.44 -7.57 -5.20
C ASN A 56 13.26 -8.57 -6.04
N PRO A 57 12.58 -9.21 -7.01
CA PRO A 57 13.23 -10.12 -7.95
C PRO A 57 14.02 -9.35 -9.02
N PRO A 58 14.92 -10.05 -9.73
CA PRO A 58 15.68 -9.44 -10.82
C PRO A 58 14.79 -9.08 -12.02
N TYR A 59 15.27 -8.15 -12.82
CA TYR A 59 14.53 -7.69 -13.99
C TYR A 59 15.38 -7.81 -15.24
N GLU A 60 14.89 -8.53 -16.24
CA GLU A 60 15.61 -8.72 -17.49
C GLU A 60 15.84 -7.37 -18.17
N MET A 1 5.25 1.99 8.79
CA MET A 1 4.98 1.28 7.52
C MET A 1 4.38 2.22 6.50
N ILE A 2 4.95 2.25 5.29
CA ILE A 2 4.41 3.07 4.23
C ILE A 2 3.35 2.28 3.47
N LEU A 3 2.10 2.71 3.62
CA LEU A 3 0.98 2.02 3.04
C LEU A 3 0.97 2.13 1.52
N TYR A 4 1.36 3.30 1.01
CA TYR A 4 1.32 3.57 -0.43
C TYR A 4 2.12 2.51 -1.20
N ASP A 5 3.33 2.23 -0.76
CA ASP A 5 4.18 1.25 -1.41
C ASP A 5 3.53 -0.13 -1.40
N ALA A 6 3.05 -0.55 -0.24
CA ALA A 6 2.42 -1.85 -0.06
C ALA A 6 1.18 -1.99 -0.96
N ILE A 7 0.32 -0.98 -0.92
CA ILE A 7 -0.90 -0.99 -1.71
C ILE A 7 -0.59 -0.98 -3.21
N MET A 8 0.36 -0.14 -3.60
CA MET A 8 0.72 0.01 -5.01
C MET A 8 1.35 -1.26 -5.56
N TYR A 9 1.90 -2.08 -4.66
CA TYR A 9 2.57 -3.31 -5.05
C TYR A 9 1.55 -4.40 -5.38
N LYS A 10 0.58 -4.61 -4.50
CA LYS A 10 -0.40 -5.67 -4.70
C LYS A 10 -1.56 -5.17 -5.56
N TYR A 11 -1.82 -3.87 -5.51
CA TYR A 11 -2.83 -3.25 -6.37
C TYR A 11 -2.16 -2.25 -7.32
N PRO A 12 -1.61 -2.75 -8.45
CA PRO A 12 -0.82 -1.93 -9.37
C PRO A 12 -1.64 -0.85 -10.07
N ASN A 13 -2.92 -1.12 -10.26
CA ASN A 13 -3.78 -0.23 -11.03
C ASN A 13 -4.81 0.46 -10.14
N ALA A 14 -4.47 0.63 -8.87
CA ALA A 14 -5.35 1.31 -7.92
C ALA A 14 -5.22 2.82 -8.07
N VAL A 15 -6.33 3.53 -7.94
CA VAL A 15 -6.36 4.98 -8.10
C VAL A 15 -5.90 5.68 -6.82
N SER A 16 -4.67 6.17 -6.84
CA SER A 16 -4.09 6.82 -5.67
C SER A 16 -4.77 8.17 -5.41
N ARG A 17 -4.98 8.46 -4.12
CA ARG A 17 -5.49 9.76 -3.66
C ARG A 17 -6.95 9.98 -4.03
N LYS A 18 -7.63 8.92 -4.45
CA LYS A 18 -9.07 8.98 -4.70
C LYS A 18 -9.74 7.69 -4.23
N ASP A 19 -9.32 6.57 -4.81
CA ASP A 19 -9.84 5.27 -4.40
C ASP A 19 -9.21 4.84 -3.09
N PHE A 20 -8.01 5.35 -2.84
CA PHE A 20 -7.42 5.26 -1.52
C PHE A 20 -6.67 6.55 -1.22
N GLU A 21 -7.16 7.28 -0.24
CA GLU A 21 -6.56 8.54 0.16
C GLU A 21 -5.58 8.30 1.30
N LEU A 22 -4.43 8.92 1.22
CA LEU A 22 -3.38 8.72 2.20
C LEU A 22 -3.26 9.91 3.13
N ARG A 23 -2.78 9.67 4.34
CA ARG A 23 -2.51 10.74 5.28
C ARG A 23 -1.23 10.46 6.03
N ASN A 24 -0.60 11.51 6.53
CA ASN A 24 0.66 11.38 7.25
C ASN A 24 0.38 11.15 8.73
N ASP A 25 0.66 9.94 9.19
CA ASP A 25 0.39 9.58 10.59
C ASP A 25 1.55 9.99 11.48
N GLY A 26 2.77 9.74 11.01
CA GLY A 26 3.94 10.04 11.81
C GLY A 26 5.07 9.08 11.49
N ASN A 27 4.72 7.82 11.29
CA ASN A 27 5.70 6.80 10.89
C ASN A 27 5.45 6.45 9.42
N GLY A 28 4.93 7.41 8.69
CA GLY A 28 4.66 7.21 7.28
C GLY A 28 3.23 7.54 6.92
N SER A 29 2.91 7.39 5.65
CA SER A 29 1.56 7.63 5.15
C SER A 29 0.73 6.35 5.21
N TYR A 30 -0.47 6.44 5.76
CA TYR A 30 -1.35 5.29 5.87
C TYR A 30 -2.71 5.60 5.25
N ILE A 31 -3.62 4.64 5.31
CA ILE A 31 -4.93 4.77 4.69
C ILE A 31 -5.83 5.69 5.48
N GLU A 32 -6.29 6.74 4.81
CA GLU A 32 -7.23 7.69 5.40
C GLU A 32 -8.65 7.39 4.92
N LYS A 33 -8.80 7.31 3.60
CA LYS A 33 -10.11 7.15 2.99
C LYS A 33 -10.06 5.98 2.00
N TRP A 34 -10.74 4.90 2.32
CA TRP A 34 -10.74 3.71 1.47
C TRP A 34 -12.01 3.64 0.64
N ASN A 35 -11.87 3.80 -0.66
CA ASN A 35 -12.99 3.76 -1.58
C ASN A 35 -12.88 2.57 -2.51
N LEU A 36 -11.76 1.87 -2.41
CA LEU A 36 -11.51 0.72 -3.26
C LEU A 36 -12.48 -0.41 -2.97
N ARG A 37 -12.96 -1.04 -4.03
CA ARG A 37 -13.86 -2.18 -3.91
C ARG A 37 -13.06 -3.46 -3.69
N ALA A 38 -11.98 -3.30 -2.95
CA ALA A 38 -11.06 -4.38 -2.64
C ALA A 38 -10.91 -4.52 -1.14
N PRO A 39 -10.68 -5.75 -0.65
CA PRO A 39 -10.49 -6.03 0.77
C PRO A 39 -9.31 -5.27 1.37
N LEU A 40 -9.46 -4.86 2.62
CA LEU A 40 -8.41 -4.19 3.36
C LEU A 40 -7.24 -5.15 3.59
N PRO A 41 -6.03 -4.73 3.21
CA PRO A 41 -4.81 -5.55 3.38
C PRO A 41 -4.57 -5.94 4.83
N THR A 42 -3.92 -7.08 5.02
CA THR A 42 -3.67 -7.58 6.36
C THR A 42 -2.22 -7.34 6.76
N GLN A 43 -1.93 -7.54 8.04
CA GLN A 43 -0.59 -7.32 8.59
C GLN A 43 0.46 -8.14 7.84
N ALA A 44 0.22 -9.45 7.78
CA ALA A 44 1.12 -10.36 7.09
C ALA A 44 1.31 -9.96 5.64
N GLU A 45 0.20 -9.63 4.98
CA GLU A 45 0.23 -9.18 3.59
C GLU A 45 1.13 -7.95 3.43
N LEU A 46 0.84 -6.91 4.23
CA LEU A 46 1.58 -5.66 4.17
C LEU A 46 3.09 -5.89 4.28
N GLU A 47 3.50 -6.67 5.26
CA GLU A 47 4.91 -6.93 5.48
C GLU A 47 5.50 -7.83 4.41
N THR A 48 4.70 -8.73 3.86
CA THR A 48 5.17 -9.60 2.79
C THR A 48 5.45 -8.81 1.52
N TRP A 49 4.55 -7.90 1.16
CA TRP A 49 4.75 -7.06 -0.01
C TRP A 49 5.97 -6.17 0.21
N TRP A 50 6.10 -5.67 1.42
CA TRP A 50 7.24 -4.86 1.81
C TRP A 50 8.54 -5.67 1.65
N GLU A 51 8.53 -6.88 2.18
CA GLU A 51 9.67 -7.78 2.11
C GLU A 51 9.99 -8.14 0.66
N GLU A 52 8.97 -8.44 -0.13
CA GLU A 52 9.16 -8.72 -1.54
C GLU A 52 9.70 -7.50 -2.26
N LEU A 53 9.25 -6.33 -1.85
CA LEU A 53 9.72 -5.07 -2.42
C LEU A 53 11.21 -4.88 -2.13
N GLN A 54 11.62 -5.24 -0.91
CA GLN A 54 13.02 -5.15 -0.53
C GLN A 54 13.84 -6.15 -1.33
N LYS A 55 13.25 -7.31 -1.56
CA LYS A 55 13.89 -8.40 -2.29
C LYS A 55 13.68 -8.25 -3.80
N ASN A 56 13.06 -7.14 -4.19
CA ASN A 56 12.72 -6.91 -5.60
C ASN A 56 13.73 -5.99 -6.28
N PRO A 57 14.11 -6.30 -7.53
CA PRO A 57 14.99 -5.45 -8.33
C PRO A 57 14.36 -4.08 -8.58
N PRO A 58 15.14 -3.01 -8.40
CA PRO A 58 14.66 -1.63 -8.53
C PRO A 58 13.98 -1.37 -9.87
N TYR A 59 12.91 -0.59 -9.81
CA TYR A 59 12.16 -0.24 -11.01
C TYR A 59 12.86 0.89 -11.74
N GLU A 60 13.16 0.67 -13.02
CA GLU A 60 13.82 1.67 -13.83
C GLU A 60 12.99 2.95 -13.88
#